data_3DEJ
#
_entry.id   3DEJ
#
_cell.length_a   65.433
_cell.length_b   96.675
_cell.length_c   180.446
_cell.angle_alpha   90.000
_cell.angle_beta   90.000
_cell.angle_gamma   90.000
#
_symmetry.space_group_name_H-M   'P 21 21 21'
#
loop_
_entity.id
_entity.type
_entity.pdbx_description
1 polymer Caspase-3
2 non-polymer '(1S)-1-(3-chlorophenyl)-2-oxo-2-[(1,3,4-trioxo-1,2,3,4-tetrahydroisoquinolin-5-yl)amino]ethyl acetate'
3 water water
#
_entity_poly.entity_id   1
_entity_poly.type   'polypeptide(L)'
_entity_poly.pdbx_seq_one_letter_code
;SGISLDNSYKMDYPEMGLCIIINNKNFHKSTGMTSRSGTDVDAANLRETFRNLKYEVRNKNDLTREEIVELMRDVSKEDH
SKRSSFVCVLLSHGEEGIIFGTNGPVDLKKITNFFRGDRCRSLTGKPKLFIIQA(OCS)RGTELDCGIETDSGVDDDMAC
HKIPVDADFLYAYSTAPGYYSWRNSKDGSWFIQSLCAMLKQYADKLEFMHILTRVNRKVATEFESFSFDATFHAKKQIPC
IVSMLTKELYFYH
;
_entity_poly.pdbx_strand_id   A,B,C,D
#
loop_
_chem_comp.id
_chem_comp.type
_chem_comp.name
_chem_comp.formula
RXC non-polymer '(1S)-1-(3-chlorophenyl)-2-oxo-2-[(1,3,4-trioxo-1,2,3,4-tetrahydroisoquinolin-5-yl)amino]ethyl acetate' 'C19 H13 Cl N2 O6'
#
# COMPACT_ATOMS: atom_id res chain seq x y z
N ASP A 6 -8.31 19.51 41.19
CA ASP A 6 -7.13 20.35 40.81
C ASP A 6 -6.88 20.29 39.30
N ASN A 7 -5.98 21.16 38.84
CA ASN A 7 -5.73 21.36 37.41
C ASN A 7 -4.60 20.52 36.82
N SER A 8 -3.63 20.19 37.66
CA SER A 8 -2.44 19.48 37.25
C SER A 8 -2.32 18.10 37.90
N TYR A 9 -1.78 17.11 37.19
CA TYR A 9 -1.64 15.77 37.81
C TYR A 9 -0.67 15.86 38.99
N LYS A 10 -0.92 15.06 40.01
CA LYS A 10 -0.01 14.91 41.13
C LYS A 10 1.25 14.17 40.64
N MET A 11 2.35 14.90 40.47
CA MET A 11 3.59 14.28 40.01
C MET A 11 4.69 14.21 41.10
N ASP A 12 4.29 14.14 42.37
CA ASP A 12 5.25 14.12 43.48
C ASP A 12 5.17 12.84 44.33
N TYR A 13 4.66 11.76 43.75
CA TYR A 13 4.70 10.44 44.39
C TYR A 13 6.17 10.03 44.58
N PRO A 14 6.43 9.05 45.46
CA PRO A 14 7.83 8.61 45.67
C PRO A 14 8.58 8.36 44.36
N GLU A 15 7.89 7.85 43.33
CA GLU A 15 8.51 7.65 42.02
C GLU A 15 7.69 8.14 40.82
N MET A 16 8.41 8.62 39.79
CA MET A 16 7.81 9.02 38.51
C MET A 16 7.02 7.89 37.87
N GLY A 17 7.67 6.74 37.67
CA GLY A 17 7.02 5.55 37.17
C GLY A 17 7.87 4.71 36.23
N LEU A 18 7.27 3.67 35.68
CA LEU A 18 7.93 2.85 34.68
C LEU A 18 7.93 3.53 33.33
N CYS A 19 9.00 3.32 32.59
CA CYS A 19 9.05 3.69 31.20
C CYS A 19 9.49 2.46 30.44
N ILE A 20 8.55 1.66 29.96
CA ILE A 20 8.91 0.50 29.18
C ILE A 20 9.18 0.87 27.72
N ILE A 21 10.32 0.44 27.20
CA ILE A 21 10.65 0.70 25.80
C ILE A 21 10.74 -0.61 25.03
N ILE A 22 9.74 -0.87 24.17
CA ILE A 22 9.78 -2.04 23.28
C ILE A 22 10.37 -1.66 21.93
N ASN A 23 11.55 -2.21 21.65
CA ASN A 23 12.30 -1.85 20.47
C ASN A 23 12.55 -3.07 19.59
N ASN A 24 11.82 -3.18 18.48
CA ASN A 24 11.97 -4.33 17.59
C ASN A 24 12.75 -4.03 16.31
N LYS A 25 13.97 -4.61 16.23
CA LYS A 25 14.87 -4.45 15.09
C LYS A 25 14.77 -5.56 14.05
N ASN A 26 14.83 -6.82 14.51
CA ASN A 26 14.85 -7.98 13.62
C ASN A 26 13.55 -8.74 13.67
N PHE A 27 13.03 -9.08 12.51
CA PHE A 27 11.73 -9.74 12.39
C PHE A 27 11.93 -11.11 11.78
N HIS A 28 11.00 -12.02 12.08
CA HIS A 28 11.13 -13.40 11.67
C HIS A 28 10.88 -13.57 10.16
N LYS A 29 11.55 -14.55 9.56
CA LYS A 29 11.49 -14.78 8.11
C LYS A 29 10.05 -14.92 7.57
N SER A 30 9.19 -15.60 8.31
CA SER A 30 7.80 -15.80 7.92
C SER A 30 6.99 -14.49 7.86
N THR A 31 7.59 -13.40 8.32
CA THR A 31 6.92 -12.10 8.33
C THR A 31 7.08 -11.34 7.01
N GLY A 32 8.20 -11.55 6.33
CA GLY A 32 8.51 -10.83 5.11
C GLY A 32 8.92 -9.40 5.41
N MET A 33 9.01 -9.07 6.70
CA MET A 33 9.32 -7.73 7.15
C MET A 33 10.81 -7.48 7.19
N THR A 34 11.21 -6.29 6.81
CA THR A 34 12.62 -5.95 6.84
C THR A 34 13.02 -5.48 8.21
N SER A 35 14.34 -5.50 8.46
CA SER A 35 14.86 -5.08 9.74
C SER A 35 14.90 -3.54 9.84
N ARG A 36 14.69 -3.06 11.06
CA ARG A 36 14.51 -1.64 11.27
C ARG A 36 15.85 -0.99 11.60
N SER A 37 16.67 -0.77 10.57
CA SER A 37 18.02 -0.24 10.75
C SER A 37 18.07 1.05 11.57
N GLY A 38 18.98 1.07 12.54
CA GLY A 38 19.24 2.25 13.34
C GLY A 38 18.23 2.53 14.42
N THR A 39 17.25 1.65 14.60
CA THR A 39 16.24 1.87 15.62
C THR A 39 16.83 1.99 17.03
N ASP A 40 17.99 1.35 17.25
CA ASP A 40 18.64 1.42 18.55
C ASP A 40 18.99 2.84 18.92
N VAL A 41 19.36 3.64 17.92
CA VAL A 41 19.56 5.06 18.15
C VAL A 41 18.37 5.65 18.90
N ASP A 42 17.14 5.38 18.43
CA ASP A 42 15.96 5.86 19.11
C ASP A 42 15.87 5.32 20.54
N ALA A 43 16.00 4.00 20.70
CA ALA A 43 15.88 3.36 22.01
C ALA A 43 16.86 3.97 23.03
N ALA A 44 18.11 4.10 22.60
CA ALA A 44 19.14 4.77 23.39
C ALA A 44 18.69 6.18 23.74
N ASN A 45 18.31 6.96 22.73
CA ASN A 45 17.92 8.33 22.98
C ASN A 45 16.76 8.40 23.97
N LEU A 46 15.79 7.53 23.79
CA LEU A 46 14.66 7.51 24.69
C LEU A 46 15.08 7.16 26.11
N ARG A 47 16.06 6.25 26.24
CA ARG A 47 16.53 5.81 27.56
C ARG A 47 17.14 6.96 28.37
N GLU A 48 18.08 7.67 27.77
CA GLU A 48 18.72 8.78 28.44
C GLU A 48 17.65 9.79 28.85
N THR A 49 16.81 10.15 27.90
CA THR A 49 15.78 11.16 28.11
C THR A 49 14.91 10.83 29.30
N PHE A 50 14.31 9.64 29.31
CA PHE A 50 13.38 9.30 30.37
C PHE A 50 14.05 9.01 31.71
N ARG A 51 15.30 8.54 31.68
CA ARG A 51 16.13 8.40 32.89
C ARG A 51 16.27 9.77 33.52
N ASN A 52 16.61 10.77 32.71
CA ASN A 52 16.74 12.13 33.17
C ASN A 52 15.41 12.70 33.68
N LEU A 53 14.30 12.19 33.17
CA LEU A 53 13.02 12.58 33.74
C LEU A 53 12.72 11.82 35.04
N LYS A 54 13.65 10.97 35.46
CA LYS A 54 13.57 10.23 36.73
C LYS A 54 12.72 8.96 36.65
N TYR A 55 12.44 8.50 35.44
CA TYR A 55 11.68 7.25 35.29
C TYR A 55 12.58 6.03 35.51
N GLU A 56 11.99 4.95 36.01
CA GLU A 56 12.64 3.65 36.01
C GLU A 56 12.45 3.08 34.59
N VAL A 57 13.52 3.11 33.81
CA VAL A 57 13.47 2.71 32.41
C VAL A 57 13.81 1.22 32.25
N ARG A 58 12.93 0.48 31.57
CA ARG A 58 13.22 -0.91 31.24
C ARG A 58 13.16 -1.15 29.73
N ASN A 59 14.29 -1.50 29.14
CA ASN A 59 14.39 -1.70 27.70
C ASN A 59 14.18 -3.14 27.31
N LYS A 60 13.36 -3.37 26.29
CA LYS A 60 13.16 -4.71 25.75
C LYS A 60 13.41 -4.72 24.23
N ASN A 61 14.17 -5.70 23.77
CA ASN A 61 14.53 -5.78 22.36
C ASN A 61 13.99 -7.01 21.66
N ASP A 62 13.50 -6.83 20.44
CA ASP A 62 13.03 -7.95 19.60
C ASP A 62 12.03 -8.91 20.29
N LEU A 63 10.88 -8.37 20.72
CA LEU A 63 9.85 -9.19 21.34
C LEU A 63 8.86 -9.74 20.32
N THR A 64 8.38 -10.97 20.55
CA THR A 64 7.32 -11.54 19.73
C THR A 64 6.02 -10.85 20.13
N ARG A 65 4.97 -11.04 19.34
CA ARG A 65 3.65 -10.57 19.72
C ARG A 65 3.20 -11.10 21.10
N GLU A 66 3.40 -12.40 21.35
CA GLU A 66 3.13 -13.02 22.65
C GLU A 66 3.99 -12.41 23.77
N GLU A 67 5.25 -12.18 23.48
CA GLU A 67 6.12 -11.56 24.47
C GLU A 67 5.68 -10.16 24.85
N ILE A 68 5.25 -9.38 23.86
CA ILE A 68 4.77 -8.01 24.08
C ILE A 68 3.54 -8.04 24.99
N VAL A 69 2.55 -8.87 24.61
CA VAL A 69 1.31 -9.02 25.37
C VAL A 69 1.60 -9.49 26.80
N GLU A 70 2.46 -10.50 26.90
CA GLU A 70 2.88 -11.06 28.18
C GLU A 70 3.64 -10.04 29.02
N LEU A 71 4.43 -9.18 28.39
CA LEU A 71 5.19 -8.18 29.13
C LEU A 71 4.24 -7.11 29.68
N MET A 72 3.28 -6.71 28.85
CA MET A 72 2.35 -5.68 29.25
C MET A 72 1.43 -6.17 30.35
N ARG A 73 0.99 -7.42 30.23
CA ARG A 73 0.16 -8.06 31.24
C ARG A 73 0.82 -8.04 32.63
N ASP A 74 2.12 -8.34 32.68
CA ASP A 74 2.87 -8.37 33.94
C ASP A 74 3.06 -6.99 34.53
N VAL A 75 3.53 -6.06 33.71
CA VAL A 75 3.68 -4.66 34.11
C VAL A 75 2.36 -4.08 34.63
N SER A 76 1.27 -4.39 33.97
CA SER A 76 -0.04 -3.93 34.43
C SER A 76 -0.45 -4.54 35.78
N LYS A 77 0.16 -5.67 36.15
CA LYS A 77 -0.15 -6.34 37.41
C LYS A 77 0.75 -5.92 38.59
N GLU A 78 1.84 -5.19 38.32
CA GLU A 78 2.69 -4.63 39.38
C GLU A 78 1.89 -3.67 40.23
N ASP A 79 2.45 -3.30 41.37
CA ASP A 79 1.89 -2.28 42.21
C ASP A 79 2.49 -0.93 41.81
N HIS A 80 1.65 -0.07 41.24
CA HIS A 80 2.04 1.31 40.86
C HIS A 80 1.54 2.37 41.86
N SER A 81 1.32 1.98 43.12
CA SER A 81 0.82 2.90 44.17
C SER A 81 1.72 4.10 44.42
N LYS A 82 3.02 3.85 44.51
CA LYS A 82 4.00 4.87 44.83
C LYS A 82 4.57 5.51 43.56
N ARG A 83 3.90 5.26 42.43
CA ARG A 83 4.34 5.83 41.15
C ARG A 83 3.37 6.87 40.61
N SER A 84 3.90 8.00 40.15
CA SER A 84 3.13 9.14 39.61
C SER A 84 2.44 8.91 38.24
N SER A 85 3.14 8.22 37.33
CA SER A 85 2.64 7.98 35.97
C SER A 85 3.12 6.65 35.40
N PHE A 86 2.72 6.38 34.17
CA PHE A 86 3.21 5.22 33.44
C PHE A 86 3.55 5.60 32.02
N VAL A 87 4.68 5.11 31.52
CA VAL A 87 5.07 5.39 30.14
C VAL A 87 5.49 4.12 29.41
N CYS A 88 5.02 3.96 28.18
CA CYS A 88 5.44 2.85 27.32
C CYS A 88 5.66 3.33 25.87
N VAL A 89 6.85 3.05 25.36
CA VAL A 89 7.26 3.50 24.06
C VAL A 89 7.34 2.30 23.15
N LEU A 90 6.71 2.38 21.98
CA LEU A 90 6.73 1.30 20.99
C LEU A 90 7.49 1.74 19.72
N LEU A 91 8.52 0.96 19.35
CA LEU A 91 9.33 1.24 18.17
C LEU A 91 9.31 0.00 17.32
N SER A 92 8.54 0.04 16.23
CA SER A 92 8.36 -1.14 15.41
C SER A 92 7.66 -0.81 14.09
N HIS A 93 7.45 -1.82 13.22
CA HIS A 93 6.56 -1.66 12.07
C HIS A 93 5.14 -1.59 12.63
N GLY A 94 4.24 -0.97 11.87
CA GLY A 94 2.84 -0.93 12.24
C GLY A 94 1.88 -0.76 11.09
N GLU A 95 0.61 -0.67 11.46
CA GLU A 95 -0.51 -0.41 10.57
C GLU A 95 -1.50 0.30 11.47
N GLU A 96 -2.51 0.91 10.86
CA GLU A 96 -3.54 1.59 11.64
C GLU A 96 -4.00 0.68 12.79
N GLY A 97 -3.84 1.20 14.01
CA GLY A 97 -4.24 0.48 15.21
C GLY A 97 -3.42 -0.74 15.57
N ILE A 98 -2.38 -1.08 14.80
CA ILE A 98 -1.60 -2.27 15.14
C ILE A 98 -0.08 -2.01 15.11
N ILE A 99 0.66 -2.63 16.04
CA ILE A 99 2.12 -2.64 16.00
C ILE A 99 2.61 -4.07 15.84
N PHE A 100 3.86 -4.20 15.38
CA PHE A 100 4.40 -5.52 15.06
C PHE A 100 5.32 -6.12 16.12
N GLY A 101 4.97 -7.34 16.54
CA GLY A 101 5.92 -8.23 17.19
C GLY A 101 6.91 -8.71 16.13
N THR A 102 8.00 -9.33 16.54
CA THR A 102 8.97 -9.83 15.56
C THR A 102 8.37 -10.92 14.65
N ASN A 103 7.27 -11.51 15.10
CA ASN A 103 6.64 -12.61 14.39
C ASN A 103 5.21 -12.35 14.02
N GLY A 104 4.75 -11.10 14.19
CA GLY A 104 3.41 -10.75 13.75
C GLY A 104 2.67 -9.65 14.48
N PRO A 105 1.50 -9.30 13.95
CA PRO A 105 0.71 -8.17 14.46
C PRO A 105 0.17 -8.28 15.87
N VAL A 106 0.07 -7.14 16.56
CA VAL A 106 -0.69 -7.03 17.79
C VAL A 106 -1.57 -5.79 17.67
N ASP A 107 -2.87 -5.92 17.99
CA ASP A 107 -3.74 -4.77 18.15
C ASP A 107 -3.23 -3.92 19.30
N LEU A 108 -3.12 -2.61 19.06
CA LEU A 108 -2.68 -1.67 20.08
C LEU A 108 -3.64 -1.66 21.26
N LYS A 109 -4.92 -1.82 20.95
CA LYS A 109 -5.99 -1.72 21.92
C LYS A 109 -5.84 -2.83 22.96
N LYS A 110 -5.20 -3.93 22.54
CA LYS A 110 -4.99 -5.06 23.42
C LYS A 110 -3.96 -4.73 24.48
N ILE A 111 -2.89 -4.05 24.07
CA ILE A 111 -1.85 -3.69 25.01
C ILE A 111 -2.27 -2.53 25.92
N THR A 112 -3.11 -1.63 25.43
CA THR A 112 -3.53 -0.50 26.27
C THR A 112 -4.60 -0.91 27.27
N ASN A 113 -5.44 -1.86 26.86
CA ASN A 113 -6.52 -2.34 27.71
C ASN A 113 -6.02 -2.89 29.06
N PHE A 114 -4.81 -3.44 29.10
CA PHE A 114 -4.23 -3.93 30.36
C PHE A 114 -4.16 -2.84 31.41
N PHE A 115 -4.09 -1.59 30.95
CA PHE A 115 -3.92 -0.44 31.84
C PHE A 115 -5.18 0.38 31.98
N ARG A 116 -6.29 -0.08 31.42
CA ARG A 116 -7.56 0.60 31.60
C ARG A 116 -7.78 0.83 33.10
N GLY A 117 -8.34 1.98 33.46
CA GLY A 117 -8.57 2.32 34.86
C GLY A 117 -9.10 1.18 35.73
N ASP A 118 -9.88 0.28 35.13
CA ASP A 118 -10.55 -0.80 35.86
C ASP A 118 -9.74 -2.10 35.91
N ARG A 119 -8.66 -2.16 35.14
CA ARG A 119 -7.82 -3.37 35.10
C ARG A 119 -6.48 -3.16 35.77
N CYS A 120 -6.06 -1.90 35.88
CA CYS A 120 -4.84 -1.55 36.62
C CYS A 120 -5.18 -0.52 37.67
N ARG A 121 -5.71 -1.00 38.79
CA ARG A 121 -6.31 -0.12 39.79
C ARG A 121 -5.35 0.84 40.45
N SER A 122 -4.08 0.44 40.58
CA SER A 122 -3.06 1.31 41.16
C SER A 122 -2.61 2.45 40.25
N LEU A 123 -3.06 2.44 39.00
CA LEU A 123 -2.75 3.51 38.07
C LEU A 123 -3.95 4.41 37.84
N THR A 124 -5.10 4.02 38.37
CA THR A 124 -6.31 4.83 38.24
C THR A 124 -6.09 6.27 38.69
N GLY A 125 -6.39 7.21 37.79
CA GLY A 125 -6.26 8.64 38.05
C GLY A 125 -4.88 9.18 37.75
N LYS A 126 -4.00 8.33 37.24
CA LYS A 126 -2.65 8.73 36.84
C LYS A 126 -2.43 8.64 35.32
N PRO A 127 -1.61 9.54 34.78
CA PRO A 127 -1.43 9.62 33.33
C PRO A 127 -0.78 8.36 32.76
N LYS A 128 -1.37 7.79 31.71
CA LYS A 128 -0.83 6.63 31.01
C LYS A 128 -0.41 7.03 29.60
N LEU A 129 0.91 7.13 29.35
CA LEU A 129 1.40 7.70 28.11
C LEU A 129 1.94 6.65 27.18
N PHE A 130 1.46 6.66 25.94
CA PHE A 130 1.91 5.70 24.95
C PHE A 130 2.45 6.46 23.78
N ILE A 131 3.74 6.27 23.52
CA ILE A 131 4.45 6.94 22.45
C ILE A 131 4.71 5.90 21.38
N ILE A 132 4.19 6.13 20.18
CA ILE A 132 4.22 5.09 19.15
C ILE A 132 4.98 5.49 17.88
N GLN A 133 6.18 4.96 17.70
CA GLN A 133 6.93 5.22 16.49
C GLN A 133 6.73 4.06 15.54
N ALA A 134 5.68 4.15 14.72
CA ALA A 134 5.35 3.10 13.77
C ALA A 134 4.34 3.59 12.74
N OCS A 135 4.37 3.01 11.54
CA OCS A 135 3.48 3.33 10.46
CB OCS A 135 3.79 2.38 9.31
SG OCS A 135 5.42 2.24 8.97
C OCS A 135 2.05 3.13 10.90
O OCS A 135 1.76 2.32 11.76
OD1 OCS A 135 5.55 1.87 7.54
OD2 OCS A 135 6.06 3.56 9.13
OD3 OCS A 135 6.15 1.19 9.77
N ARG A 136 1.15 3.91 10.29
CA ARG A 136 -0.27 3.84 10.54
C ARG A 136 -0.93 3.69 9.15
N GLY A 137 -0.14 3.17 8.21
CA GLY A 137 -0.59 3.06 6.83
C GLY A 137 0.57 3.36 5.89
N THR A 138 0.29 3.45 4.59
CA THR A 138 1.35 3.59 3.58
C THR A 138 1.31 4.94 2.86
N GLU A 139 0.34 5.79 3.20
CA GLU A 139 0.22 7.09 2.55
C GLU A 139 1.41 7.99 2.81
N LEU A 140 1.80 8.75 1.80
CA LEU A 140 2.86 9.77 1.93
C LEU A 140 2.26 11.14 1.84
N ASP A 141 2.81 12.10 2.57
CA ASP A 141 2.28 13.46 2.56
C ASP A 141 3.15 14.31 1.65
N CYS A 142 2.56 14.76 0.54
CA CYS A 142 3.22 15.58 -0.48
C CYS A 142 3.68 16.92 0.07
N GLY A 143 2.93 17.43 1.04
CA GLY A 143 3.23 18.71 1.66
C GLY A 143 2.78 19.85 0.78
N ILE A 144 2.87 21.06 1.31
CA ILE A 144 2.41 22.23 0.59
C ILE A 144 3.37 23.41 0.78
N GLU A 145 3.36 24.32 -0.19
CA GLU A 145 4.16 25.55 -0.21
C GLU A 145 3.96 26.46 1.01
N THR A 146 5.00 27.22 1.36
CA THR A 146 5.00 28.23 2.43
C THR A 146 4.84 27.62 3.82
N LYS A 158 -16.20 8.36 40.71
CA LYS A 158 -16.31 7.53 39.49
C LYS A 158 -15.78 8.24 38.23
N ILE A 159 -14.80 7.63 37.56
CA ILE A 159 -14.25 8.15 36.31
C ILE A 159 -14.36 7.13 35.17
N PRO A 160 -14.25 7.61 33.93
CA PRO A 160 -14.23 6.70 32.77
C PRO A 160 -12.95 5.87 32.72
N VAL A 161 -13.10 4.60 32.34
CA VAL A 161 -11.98 3.67 32.30
C VAL A 161 -11.00 4.06 31.19
N ASP A 162 -11.51 4.71 30.14
CA ASP A 162 -10.65 5.16 29.05
C ASP A 162 -10.00 6.57 29.30
N ALA A 163 -10.27 7.16 30.46
CA ALA A 163 -9.65 8.44 30.85
C ALA A 163 -8.19 8.35 31.29
N ASP A 164 -7.48 9.48 31.20
CA ASP A 164 -6.10 9.58 31.64
C ASP A 164 -5.15 8.76 30.77
N PHE A 165 -5.50 8.60 29.51
CA PHE A 165 -4.60 8.02 28.54
C PHE A 165 -4.14 9.14 27.63
N LEU A 166 -2.90 9.03 27.17
CA LEU A 166 -2.40 9.86 26.09
C LEU A 166 -1.59 9.00 25.09
N TYR A 167 -1.84 9.22 23.79
CA TYR A 167 -1.09 8.59 22.73
C TYR A 167 -0.33 9.63 21.91
N ALA A 168 0.99 9.48 21.90
CA ALA A 168 1.84 10.30 21.05
C ALA A 168 2.25 9.50 19.82
N TYR A 169 1.44 9.53 18.77
CA TYR A 169 1.78 8.85 17.53
C TYR A 169 2.80 9.65 16.71
N SER A 170 3.65 8.94 15.99
CA SER A 170 4.61 9.57 15.10
C SER A 170 4.03 10.20 13.83
N THR A 171 2.80 9.81 13.44
CA THR A 171 2.11 10.30 12.23
C THR A 171 0.60 10.29 12.37
N ALA A 172 -0.04 10.91 11.39
CA ALA A 172 -1.47 11.00 11.31
C ALA A 172 -2.02 9.64 10.85
N PRO A 173 -3.28 9.35 11.21
CA PRO A 173 -3.92 8.10 10.79
C PRO A 173 -3.77 7.86 9.30
N GLY A 174 -3.38 6.64 8.93
CA GLY A 174 -3.25 6.31 7.52
C GLY A 174 -1.89 6.51 6.92
N TYR A 175 -0.96 7.13 7.62
CA TYR A 175 0.30 7.56 7.01
C TYR A 175 1.51 6.74 7.39
N TYR A 176 2.51 6.79 6.52
CA TYR A 176 3.80 6.21 6.77
C TYR A 176 4.56 7.08 7.80
N SER A 177 5.57 6.51 8.45
CA SER A 177 6.33 7.20 9.49
C SER A 177 7.79 7.13 9.10
N TRP A 178 8.44 8.28 8.93
CA TRP A 178 9.81 8.35 8.42
C TRP A 178 10.87 8.21 9.49
N ARG A 179 11.92 7.51 9.13
CA ARG A 179 13.05 7.28 10.02
C ARG A 179 14.32 7.50 9.24
N ASN A 180 15.35 8.01 9.92
CA ASN A 180 16.70 8.08 9.35
C ASN A 180 17.58 7.06 10.07
N SER A 181 18.04 6.03 9.34
CA SER A 181 18.88 4.94 9.89
C SER A 181 19.98 5.41 10.84
N LYS A 182 20.60 6.53 10.52
CA LYS A 182 21.72 7.04 11.28
C LYS A 182 21.29 8.04 12.35
N ASP A 183 20.57 9.09 11.97
CA ASP A 183 20.19 10.15 12.92
C ASP A 183 19.02 9.82 13.86
N GLY A 184 18.31 8.72 13.64
CA GLY A 184 17.11 8.40 14.40
C GLY A 184 15.84 8.79 13.66
N SER A 185 14.68 8.35 14.16
CA SER A 185 13.42 8.69 13.51
C SER A 185 13.07 10.16 13.73
N TRP A 186 12.34 10.74 12.77
CA TRP A 186 11.97 12.13 12.82
C TRP A 186 11.27 12.44 14.14
N PHE A 187 10.31 11.60 14.48
CA PHE A 187 9.47 11.86 15.63
C PHE A 187 10.27 11.68 16.92
N ILE A 188 10.95 10.56 17.09
CA ILE A 188 11.60 10.32 18.37
C ILE A 188 12.78 11.25 18.58
N GLN A 189 13.48 11.50 17.49
CA GLN A 189 14.51 12.53 17.47
C GLN A 189 13.97 13.85 17.98
N SER A 190 12.81 14.28 17.48
CA SER A 190 12.23 15.57 17.87
C SER A 190 11.62 15.56 19.27
N LEU A 191 11.01 14.42 19.63
CA LEU A 191 10.42 14.30 20.94
C LEU A 191 11.51 14.46 21.96
N CYS A 192 12.55 13.66 21.84
CA CYS A 192 13.64 13.64 22.82
C CYS A 192 14.24 15.02 22.93
N ALA A 193 14.51 15.63 21.77
CA ALA A 193 15.07 16.98 21.73
C ALA A 193 14.16 17.92 22.53
N MET A 194 12.86 17.80 22.29
CA MET A 194 11.93 18.72 22.88
C MET A 194 11.73 18.50 24.38
N LEU A 195 11.80 17.24 24.81
CA LEU A 195 11.66 16.92 26.23
C LEU A 195 12.88 17.39 27.01
N LYS A 196 14.06 17.17 26.41
CA LYS A 196 15.34 17.65 26.94
C LYS A 196 15.27 19.14 27.17
N GLN A 197 14.73 19.86 26.20
CA GLN A 197 14.77 21.31 26.23
C GLN A 197 13.66 21.97 27.06
N TYR A 198 12.56 21.27 27.36
CA TYR A 198 11.38 21.94 27.89
C TYR A 198 10.63 21.24 28.99
N ALA A 199 10.94 19.97 29.25
CA ALA A 199 10.26 19.25 30.32
C ALA A 199 10.33 19.98 31.66
N ASP A 200 11.33 20.82 31.87
CA ASP A 200 11.40 21.63 33.10
C ASP A 200 10.61 22.96 33.00
N LYS A 201 9.96 23.20 31.86
CA LYS A 201 9.29 24.48 31.62
C LYS A 201 7.80 24.33 31.28
N LEU A 202 7.54 23.69 30.14
CA LEU A 202 6.19 23.61 29.60
C LEU A 202 5.40 22.38 30.07
N GLU A 203 4.09 22.48 29.91
CA GLU A 203 3.20 21.36 30.13
C GLU A 203 3.34 20.41 28.93
N PHE A 204 3.14 19.11 29.16
CA PHE A 204 3.35 18.11 28.13
C PHE A 204 2.71 18.41 26.75
N MET A 205 1.42 18.75 26.71
CA MET A 205 0.74 19.09 25.42
C MET A 205 1.46 20.14 24.60
N HIS A 206 2.06 21.11 25.30
CA HIS A 206 2.76 22.16 24.62
C HIS A 206 4.13 21.69 24.12
N ILE A 207 4.76 20.78 24.87
CA ILE A 207 5.96 20.11 24.40
C ILE A 207 5.63 19.38 23.09
N LEU A 208 4.58 18.57 23.12
CA LEU A 208 4.20 17.75 21.98
C LEU A 208 3.81 18.64 20.79
N THR A 209 3.29 19.82 21.11
CA THR A 209 2.95 20.76 20.06
C THR A 209 4.22 21.25 19.44
N ARG A 210 5.24 21.53 20.25
CA ARG A 210 6.56 21.84 19.69
C ARG A 210 7.11 20.67 18.87
N VAL A 211 6.78 19.44 19.26
CA VAL A 211 7.26 18.29 18.53
C VAL A 211 6.65 18.32 17.16
N ASN A 212 5.37 18.61 17.07
CA ASN A 212 4.69 18.67 15.76
C ASN A 212 5.31 19.70 14.82
N ARG A 213 5.59 20.87 15.35
CA ARG A 213 6.13 21.98 14.58
C ARG A 213 7.51 21.57 14.09
N LYS A 214 8.27 20.91 14.97
CA LYS A 214 9.62 20.56 14.62
C LYS A 214 9.64 19.50 13.49
N VAL A 215 8.89 18.43 13.66
CA VAL A 215 8.78 17.44 12.61
C VAL A 215 8.20 18.06 11.33
N ALA A 216 7.18 18.87 11.47
CA ALA A 216 6.53 19.46 10.29
C ALA A 216 7.44 20.39 9.50
N THR A 217 8.30 21.15 10.16
CA THR A 217 9.02 22.17 9.41
C THR A 217 10.45 21.76 9.08
N GLU A 218 11.10 21.07 9.99
CA GLU A 218 12.52 20.76 9.85
C GLU A 218 12.87 19.53 9.02
N PHE A 219 11.91 18.66 8.77
CA PHE A 219 12.18 17.38 8.11
C PHE A 219 11.49 17.27 6.77
N GLU A 220 12.20 16.68 5.82
CA GLU A 220 11.71 16.54 4.45
C GLU A 220 12.47 15.38 3.84
N SER A 221 11.76 14.43 3.26
CA SER A 221 12.40 13.22 2.74
C SER A 221 13.21 13.49 1.46
N PHE A 222 14.28 12.74 1.30
CA PHE A 222 15.06 12.75 0.08
C PHE A 222 15.10 11.38 -0.60
N SER A 223 14.83 11.37 -1.91
CA SER A 223 14.95 10.17 -2.70
C SER A 223 15.30 10.48 -4.14
N PHE A 224 16.10 9.61 -4.75
CA PHE A 224 16.42 9.71 -6.17
C PHE A 224 15.19 9.45 -7.03
N ASP A 225 14.21 8.79 -6.45
CA ASP A 225 12.98 8.48 -7.14
C ASP A 225 11.91 9.43 -6.64
N ALA A 226 11.23 10.10 -7.58
CA ALA A 226 10.25 11.14 -7.26
C ALA A 226 9.18 10.61 -6.31
N THR A 227 8.72 9.37 -6.53
CA THR A 227 7.73 8.76 -5.67
C THR A 227 7.99 9.01 -4.18
N PHE A 228 9.26 8.96 -3.78
CA PHE A 228 9.60 9.00 -2.35
C PHE A 228 10.28 10.29 -1.94
N HIS A 229 10.37 11.23 -2.88
CA HIS A 229 11.13 12.46 -2.66
C HIS A 229 10.29 13.66 -2.20
N ALA A 230 10.88 14.45 -1.29
CA ALA A 230 10.27 15.67 -0.77
C ALA A 230 8.98 15.41 -0.01
N LYS A 231 8.93 14.30 0.71
CA LYS A 231 7.75 13.99 1.51
C LYS A 231 7.87 14.57 2.92
N LYS A 232 6.70 14.79 3.54
CA LYS A 232 6.59 15.48 4.82
C LYS A 232 5.84 14.62 5.83
N GLN A 233 5.85 15.01 7.09
CA GLN A 233 5.22 14.23 8.14
C GLN A 233 4.77 15.16 9.23
N ILE A 234 3.58 14.88 9.79
CA ILE A 234 3.08 15.52 11.00
C ILE A 234 2.72 14.47 12.07
N PRO A 235 3.20 14.58 13.29
CA PRO A 235 2.76 13.63 14.33
C PRO A 235 1.34 13.92 14.81
N CYS A 236 0.77 13.09 15.68
CA CYS A 236 -0.64 13.19 16.01
C CYS A 236 -0.87 12.99 17.51
N ILE A 237 -1.25 14.04 18.23
CA ILE A 237 -1.45 13.94 19.68
C ILE A 237 -2.86 13.49 20.00
N VAL A 238 -2.99 12.33 20.65
CA VAL A 238 -4.31 11.89 21.10
C VAL A 238 -4.41 11.88 22.62
N SER A 239 -5.17 12.83 23.17
CA SER A 239 -5.29 13.05 24.61
C SER A 239 -6.68 12.81 25.19
N MET A 240 -6.76 11.85 26.11
CA MET A 240 -7.93 11.70 26.96
C MET A 240 -7.50 12.06 28.39
N LEU A 241 -6.44 12.85 28.50
CA LEU A 241 -6.01 13.38 29.80
C LEU A 241 -7.09 14.31 30.35
N THR A 242 -7.18 14.41 31.68
CA THR A 242 -8.16 15.26 32.35
C THR A 242 -7.45 16.34 33.16
N LYS A 243 -6.12 16.35 33.09
CA LYS A 243 -5.33 17.36 33.81
C LYS A 243 -4.09 17.76 33.03
N GLU A 244 -3.51 18.89 33.43
CA GLU A 244 -2.25 19.30 32.84
C GLU A 244 -1.12 18.42 33.42
N LEU A 245 -0.07 18.23 32.62
CA LEU A 245 1.03 17.35 33.01
C LEU A 245 2.38 18.08 33.00
N TYR A 246 2.97 18.22 34.18
CA TYR A 246 4.29 18.84 34.32
C TYR A 246 5.20 17.81 34.89
N PHE A 247 6.33 17.62 34.24
CA PHE A 247 7.27 16.62 34.65
C PHE A 247 8.08 17.02 35.90
N TYR A 248 7.85 18.23 36.41
CA TYR A 248 8.58 18.73 37.57
C TYR A 248 7.70 18.95 38.82
N HIS A 249 8.30 19.53 39.87
CA HIS A 249 7.65 19.80 41.17
C HIS A 249 6.90 18.62 41.81
N ASP B 6 7.87 32.95 18.23
CA ASP B 6 6.60 32.61 17.51
C ASP B 6 6.18 31.14 17.70
N ASN B 7 5.60 30.85 18.86
CA ASN B 7 5.11 29.52 19.19
C ASN B 7 3.58 29.42 19.15
N SER B 8 2.94 30.51 18.75
CA SER B 8 1.48 30.54 18.71
C SER B 8 0.94 31.15 17.41
N TYR B 9 -0.22 30.67 16.99
CA TYR B 9 -0.82 31.14 15.74
C TYR B 9 -1.17 32.61 15.80
N LYS B 10 -0.99 33.28 14.67
CA LYS B 10 -1.45 34.64 14.46
C LYS B 10 -2.98 34.68 14.49
N MET B 11 -3.57 35.21 15.56
CA MET B 11 -5.02 35.28 15.65
C MET B 11 -5.57 36.69 15.47
N ASP B 12 -4.71 37.64 15.10
CA ASP B 12 -5.15 39.02 14.89
C ASP B 12 -5.40 39.40 13.42
N TYR B 13 -5.79 38.42 12.60
CA TYR B 13 -6.27 38.69 11.24
C TYR B 13 -7.60 39.44 11.40
N PRO B 14 -8.01 40.19 10.40
CA PRO B 14 -9.28 40.96 10.50
C PRO B 14 -10.41 40.15 11.16
N GLU B 15 -10.73 38.97 10.63
CA GLU B 15 -11.78 38.13 11.19
C GLU B 15 -11.22 36.86 11.84
N MET B 16 -11.85 36.38 12.90
CA MET B 16 -11.44 35.14 13.54
C MET B 16 -11.67 33.96 12.59
N GLY B 17 -12.80 34.02 11.87
CA GLY B 17 -13.12 33.06 10.84
C GLY B 17 -14.54 32.56 10.88
N LEU B 18 -14.89 31.74 9.89
CA LEU B 18 -16.19 31.10 9.87
C LEU B 18 -16.30 30.04 10.94
N CYS B 19 -17.55 29.75 11.36
CA CYS B 19 -17.85 28.66 12.28
C CYS B 19 -19.15 28.04 11.83
N ILE B 20 -19.05 26.98 11.05
CA ILE B 20 -20.21 26.29 10.50
C ILE B 20 -20.68 25.27 11.52
N ILE B 21 -21.91 25.45 12.01
CA ILE B 21 -22.59 24.41 12.82
C ILE B 21 -23.54 23.59 11.96
N ILE B 22 -23.26 22.31 11.75
CA ILE B 22 -24.20 21.44 11.04
C ILE B 22 -24.98 20.65 12.06
N ASN B 23 -26.26 20.97 12.20
CA ASN B 23 -27.07 20.37 13.24
C ASN B 23 -28.10 19.38 12.69
N ASN B 24 -27.86 18.09 12.88
CA ASN B 24 -28.78 17.05 12.44
C ASN B 24 -29.65 16.43 13.52
N LYS B 25 -30.94 16.75 13.43
CA LYS B 25 -31.97 16.34 14.38
C LYS B 25 -32.83 15.21 13.85
N ASN B 26 -33.25 15.32 12.59
CA ASN B 26 -34.22 14.38 11.98
C ASN B 26 -33.70 13.66 10.76
N PHE B 27 -33.81 12.33 10.79
CA PHE B 27 -33.30 11.47 9.73
C PHE B 27 -34.39 10.70 9.00
N HIS B 28 -34.19 10.48 7.69
CA HIS B 28 -35.15 9.75 6.85
C HIS B 28 -35.54 8.41 7.45
N LYS B 29 -36.79 8.00 7.20
CA LYS B 29 -37.30 6.72 7.68
C LYS B 29 -36.44 5.54 7.22
N SER B 30 -35.86 5.67 6.03
CA SER B 30 -34.98 4.65 5.46
C SER B 30 -33.70 4.36 6.27
N THR B 31 -33.30 5.27 7.16
CA THR B 31 -32.10 5.04 7.97
C THR B 31 -32.43 4.30 9.26
N GLY B 32 -33.64 4.52 9.76
CA GLY B 32 -34.09 3.93 11.01
C GLY B 32 -33.33 4.47 12.21
N MET B 33 -32.89 5.72 12.13
CA MET B 33 -32.19 6.35 13.24
C MET B 33 -33.14 7.29 13.93
N THR B 34 -33.21 7.16 15.25
CA THR B 34 -34.09 7.96 16.08
C THR B 34 -33.76 9.46 15.91
N SER B 35 -34.68 10.33 16.32
CA SER B 35 -34.39 11.75 16.27
C SER B 35 -33.50 12.14 17.44
N ARG B 36 -32.59 13.06 17.20
CA ARG B 36 -31.63 13.40 18.23
C ARG B 36 -32.19 14.52 19.10
N SER B 37 -32.88 14.13 20.16
CA SER B 37 -33.53 15.10 21.04
C SER B 37 -32.49 15.91 21.82
N GLY B 38 -32.78 17.21 21.97
CA GLY B 38 -31.93 18.11 22.74
C GLY B 38 -30.78 18.73 21.98
N THR B 39 -30.71 18.49 20.67
CA THR B 39 -29.60 18.95 19.88
C THR B 39 -29.68 20.46 19.54
N ASP B 40 -30.90 20.98 19.44
CA ASP B 40 -31.08 22.40 19.14
C ASP B 40 -30.51 23.25 20.28
N VAL B 41 -30.54 22.71 21.50
CA VAL B 41 -29.90 23.35 22.66
C VAL B 41 -28.41 23.54 22.39
N ASP B 42 -27.73 22.45 22.05
CA ASP B 42 -26.35 22.46 21.62
C ASP B 42 -26.12 23.50 20.53
N ALA B 43 -26.95 23.52 19.49
CA ALA B 43 -26.68 24.41 18.34
C ALA B 43 -26.80 25.88 18.75
N ALA B 44 -27.69 26.13 19.71
CA ALA B 44 -27.92 27.48 20.21
C ALA B 44 -26.78 27.90 21.15
N ASN B 45 -26.38 27.00 22.05
CA ASN B 45 -25.21 27.25 22.88
C ASN B 45 -23.96 27.49 22.04
N LEU B 46 -23.77 26.66 21.01
CA LEU B 46 -22.61 26.81 20.14
C LEU B 46 -22.59 28.17 19.46
N ARG B 47 -23.72 28.53 18.83
CA ARG B 47 -23.89 29.79 18.11
C ARG B 47 -23.55 30.99 18.98
N GLU B 48 -24.01 30.99 20.23
CA GLU B 48 -23.74 32.12 21.12
C GLU B 48 -22.28 32.19 21.56
N THR B 49 -21.75 31.05 21.99
CA THR B 49 -20.35 30.94 22.35
C THR B 49 -19.43 31.46 21.25
N PHE B 50 -19.62 31.01 20.02
CA PHE B 50 -18.68 31.35 18.97
C PHE B 50 -18.87 32.79 18.45
N ARG B 51 -20.10 33.30 18.50
CA ARG B 51 -20.37 34.72 18.30
C ARG B 51 -19.53 35.53 19.27
N ASN B 52 -19.52 35.11 20.53
CA ASN B 52 -18.78 35.83 21.54
C ASN B 52 -17.28 35.81 21.31
N LEU B 53 -16.78 34.69 20.78
CA LEU B 53 -15.37 34.60 20.40
C LEU B 53 -15.07 35.39 19.12
N LYS B 54 -16.12 35.93 18.52
CA LYS B 54 -16.05 36.74 17.29
C LYS B 54 -15.96 35.95 15.99
N TYR B 55 -16.47 34.72 16.00
CA TYR B 55 -16.54 33.93 14.76
C TYR B 55 -17.77 34.27 13.94
N GLU B 56 -17.64 34.13 12.62
CA GLU B 56 -18.77 34.29 11.74
C GLU B 56 -19.57 33.01 11.70
N VAL B 57 -20.59 32.91 12.54
CA VAL B 57 -21.40 31.68 12.62
C VAL B 57 -22.42 31.52 11.48
N ARG B 58 -22.61 30.29 11.01
CA ARG B 58 -23.64 29.93 10.05
C ARG B 58 -24.26 28.61 10.47
N ASN B 59 -25.53 28.60 10.86
CA ASN B 59 -26.17 27.35 11.29
C ASN B 59 -26.88 26.65 10.14
N LYS B 60 -26.69 25.35 10.01
CA LYS B 60 -27.37 24.55 9.00
C LYS B 60 -28.05 23.39 9.69
N ASN B 61 -29.32 23.17 9.37
CA ASN B 61 -30.10 22.15 10.05
C ASN B 61 -30.50 21.05 9.10
N ASP B 62 -30.49 19.82 9.61
CA ASP B 62 -30.94 18.64 8.89
C ASP B 62 -30.44 18.57 7.43
N LEU B 63 -29.14 18.38 7.26
CA LEU B 63 -28.51 18.28 5.94
C LEU B 63 -28.34 16.83 5.53
N THR B 64 -28.50 16.56 4.23
CA THR B 64 -28.29 15.22 3.69
C THR B 64 -26.81 14.98 3.52
N ARG B 65 -26.45 13.72 3.23
CA ARG B 65 -25.04 13.42 2.98
C ARG B 65 -24.46 14.24 1.80
N GLU B 66 -25.26 14.42 0.76
CA GLU B 66 -24.91 15.21 -0.40
C GLU B 66 -24.79 16.69 -0.04
N GLU B 67 -25.72 17.15 0.80
CA GLU B 67 -25.73 18.53 1.25
C GLU B 67 -24.51 18.89 2.10
N ILE B 68 -24.06 17.96 2.95
CA ILE B 68 -22.85 18.14 3.77
C ILE B 68 -21.62 18.37 2.89
N VAL B 69 -21.34 17.40 2.02
CA VAL B 69 -20.19 17.49 1.10
C VAL B 69 -20.19 18.85 0.39
N GLU B 70 -21.34 19.19 -0.19
CA GLU B 70 -21.53 20.42 -0.94
C GLU B 70 -21.22 21.66 -0.11
N LEU B 71 -21.80 21.75 1.07
CA LEU B 71 -21.58 22.90 1.92
C LEU B 71 -20.10 23.00 2.25
N MET B 72 -19.48 21.86 2.54
CA MET B 72 -18.05 21.82 2.83
C MET B 72 -17.23 22.22 1.60
N ARG B 73 -17.64 21.74 0.43
CA ARG B 73 -17.01 22.16 -0.82
C ARG B 73 -17.06 23.69 -1.03
N ASP B 74 -18.24 24.29 -0.88
CA ASP B 74 -18.40 25.73 -1.06
C ASP B 74 -17.50 26.49 -0.11
N VAL B 75 -17.67 26.18 1.19
CA VAL B 75 -16.95 26.86 2.27
C VAL B 75 -15.44 26.78 2.05
N SER B 76 -14.99 25.60 1.59
CA SER B 76 -13.57 25.40 1.34
C SER B 76 -13.06 26.27 0.21
N LYS B 77 -13.96 26.65 -0.70
CA LYS B 77 -13.55 27.42 -1.89
C LYS B 77 -13.71 28.92 -1.70
N GLU B 78 -14.20 29.33 -0.53
CA GLU B 78 -14.25 30.74 -0.19
C GLU B 78 -12.83 31.27 -0.01
N ASP B 79 -12.68 32.58 0.12
CA ASP B 79 -11.36 33.15 0.35
C ASP B 79 -11.20 33.46 1.85
N HIS B 80 -10.32 32.70 2.52
CA HIS B 80 -10.08 32.83 3.95
C HIS B 80 -8.83 33.64 4.24
N SER B 81 -8.42 34.50 3.31
CA SER B 81 -7.22 35.29 3.52
C SER B 81 -7.31 36.18 4.73
N LYS B 82 -8.48 36.78 4.93
CA LYS B 82 -8.67 37.75 6.02
C LYS B 82 -9.11 37.08 7.31
N ARG B 83 -9.01 35.75 7.35
CA ARG B 83 -9.53 34.96 8.47
C ARG B 83 -8.43 34.25 9.25
N SER B 84 -8.49 34.34 10.56
CA SER B 84 -7.48 33.77 11.44
C SER B 84 -7.47 32.25 11.45
N SER B 85 -8.66 31.66 11.36
CA SER B 85 -8.84 30.23 11.54
C SER B 85 -10.14 29.77 10.92
N PHE B 86 -10.47 28.50 11.11
CA PHE B 86 -11.73 27.92 10.62
C PHE B 86 -12.25 26.90 11.62
N VAL B 87 -13.56 26.92 11.85
CA VAL B 87 -14.20 26.03 12.81
C VAL B 87 -15.41 25.35 12.16
N CYS B 88 -15.60 24.08 12.48
CA CYS B 88 -16.70 23.31 11.97
C CYS B 88 -17.19 22.33 13.02
N VAL B 89 -18.45 22.49 13.43
CA VAL B 89 -19.07 21.64 14.45
C VAL B 89 -20.06 20.71 13.81
N LEU B 90 -19.94 19.41 14.12
CA LEU B 90 -20.80 18.41 13.52
C LEU B 90 -21.59 17.72 14.62
N LEU B 91 -22.91 17.89 14.56
CA LEU B 91 -23.82 17.36 15.57
C LEU B 91 -24.73 16.37 14.88
N SER B 92 -24.59 15.09 15.19
CA SER B 92 -25.35 14.04 14.50
C SER B 92 -25.04 12.65 15.04
N HIS B 93 -25.67 11.63 14.45
CA HIS B 93 -25.30 10.25 14.72
C HIS B 93 -23.98 9.97 14.00
N GLY B 94 -23.30 8.91 14.41
CA GLY B 94 -22.10 8.48 13.72
C GLY B 94 -21.56 7.14 14.15
N GLU B 95 -20.47 6.74 13.52
CA GLU B 95 -19.69 5.56 13.86
C GLU B 95 -18.24 5.97 13.76
N GLU B 96 -17.33 5.06 14.08
CA GLU B 96 -15.90 5.34 13.92
C GLU B 96 -15.60 5.85 12.53
N GLY B 97 -15.16 7.10 12.45
CA GLY B 97 -14.73 7.70 11.20
C GLY B 97 -15.86 8.27 10.38
N ILE B 98 -17.08 8.24 10.91
CA ILE B 98 -18.29 8.56 10.15
C ILE B 98 -19.27 9.46 10.89
N ILE B 99 -19.87 10.40 10.15
CA ILE B 99 -21.04 11.13 10.61
C ILE B 99 -22.22 10.96 9.65
N PHE B 100 -23.42 10.92 10.18
CA PHE B 100 -24.60 10.74 9.35
C PHE B 100 -25.23 12.06 8.93
N GLY B 101 -25.38 12.24 7.62
CA GLY B 101 -26.31 13.19 7.08
C GLY B 101 -27.69 12.59 7.31
N THR B 102 -28.74 13.30 6.91
CA THR B 102 -30.11 12.84 7.17
C THR B 102 -30.41 11.53 6.44
N ASN B 103 -29.87 11.38 5.24
CA ASN B 103 -30.14 10.19 4.43
C ASN B 103 -29.06 9.09 4.51
N GLY B 104 -28.03 9.29 5.34
CA GLY B 104 -26.97 8.28 5.49
C GLY B 104 -25.56 8.81 5.75
N PRO B 105 -24.58 7.90 5.71
CA PRO B 105 -23.19 8.19 6.13
C PRO B 105 -22.29 8.99 5.19
N VAL B 106 -21.54 9.90 5.77
CA VAL B 106 -20.43 10.58 5.10
C VAL B 106 -19.21 10.21 5.90
N ASP B 107 -18.11 9.98 5.19
CA ASP B 107 -16.82 9.77 5.84
C ASP B 107 -16.27 11.13 6.26
N LEU B 108 -15.89 11.24 7.53
CA LEU B 108 -15.30 12.46 8.07
C LEU B 108 -14.13 12.96 7.26
N LYS B 109 -13.30 12.01 6.85
CA LYS B 109 -12.15 12.30 6.03
C LYS B 109 -12.53 12.98 4.71
N LYS B 110 -13.73 12.72 4.22
CA LYS B 110 -14.21 13.35 2.99
C LYS B 110 -14.52 14.82 3.23
N ILE B 111 -15.11 15.13 4.39
CA ILE B 111 -15.40 16.52 4.70
C ILE B 111 -14.14 17.30 5.10
N THR B 112 -13.18 16.64 5.75
CA THR B 112 -11.96 17.31 6.22
C THR B 112 -10.95 17.55 5.12
N ASN B 113 -10.92 16.66 4.11
CA ASN B 113 -9.96 16.79 3.02
C ASN B 113 -10.13 18.07 2.17
N PHE B 114 -11.37 18.56 2.06
CA PHE B 114 -11.65 19.82 1.38
C PHE B 114 -10.79 20.94 1.93
N PHE B 115 -10.31 20.77 3.15
CA PHE B 115 -9.52 21.81 3.80
C PHE B 115 -8.02 21.51 3.90
N ARG B 116 -7.56 20.34 3.43
CA ARG B 116 -6.13 19.96 3.50
C ARG B 116 -5.28 21.04 2.88
N GLY B 117 -4.18 21.38 3.56
CA GLY B 117 -3.33 22.52 3.22
C GLY B 117 -3.02 22.80 1.75
N ASP B 118 -3.38 21.88 0.86
CA ASP B 118 -3.15 22.02 -0.58
C ASP B 118 -4.46 22.13 -1.39
N ARG B 119 -5.59 22.15 -0.69
CA ARG B 119 -6.91 22.24 -1.32
C ARG B 119 -7.62 23.49 -0.82
N CYS B 120 -7.04 24.10 0.20
CA CYS B 120 -7.54 25.38 0.72
C CYS B 120 -6.38 26.28 1.12
N ARG B 121 -5.75 26.88 0.11
CA ARG B 121 -4.55 27.68 0.28
C ARG B 121 -4.69 28.86 1.24
N SER B 122 -5.88 29.46 1.26
CA SER B 122 -6.14 30.58 2.13
C SER B 122 -6.26 30.18 3.61
N LEU B 123 -6.21 28.87 3.90
CA LEU B 123 -6.14 28.36 5.28
C LEU B 123 -4.78 27.73 5.67
N THR B 124 -3.91 27.54 4.70
CA THR B 124 -2.57 27.01 4.93
C THR B 124 -1.84 27.70 6.09
N GLY B 125 -1.40 26.89 7.06
CA GLY B 125 -0.71 27.40 8.23
C GLY B 125 -1.62 28.02 9.27
N LYS B 126 -2.93 27.98 9.02
CA LYS B 126 -3.93 28.45 9.98
C LYS B 126 -4.70 27.26 10.55
N PRO B 127 -5.08 27.35 11.83
CA PRO B 127 -5.70 26.22 12.53
C PRO B 127 -7.08 25.87 12.01
N LYS B 128 -7.24 24.61 11.57
CA LYS B 128 -8.51 24.05 11.15
C LYS B 128 -9.13 23.23 12.30
N LEU B 129 -10.29 23.66 12.79
CA LEU B 129 -10.86 23.03 13.98
C LEU B 129 -12.16 22.28 13.67
N PHE B 130 -12.20 21.00 14.02
CA PHE B 130 -13.39 20.23 13.81
C PHE B 130 -13.82 19.67 15.14
N ILE B 131 -15.01 20.08 15.56
CA ILE B 131 -15.63 19.64 16.79
C ILE B 131 -16.70 18.63 16.40
N ILE B 132 -16.55 17.40 16.88
CA ILE B 132 -17.44 16.31 16.49
C ILE B 132 -18.21 15.73 17.66
N GLN B 133 -19.48 16.06 17.71
CA GLN B 133 -20.41 15.45 18.65
C GLN B 133 -21.16 14.32 17.91
N ALA B 134 -20.64 13.10 17.98
CA ALA B 134 -21.25 11.92 17.36
C ALA B 134 -20.63 10.63 17.90
N OCS B 135 -21.37 9.53 17.80
CA OCS B 135 -20.88 8.28 18.32
CB OCS B 135 -22.02 7.25 18.35
SG OCS B 135 -23.56 7.85 18.67
C OCS B 135 -19.77 7.81 17.41
O OCS B 135 -19.74 8.10 16.22
OD1 OCS B 135 -24.23 6.89 19.58
OD2 OCS B 135 -23.52 9.16 19.37
OD3 OCS B 135 -24.38 7.99 17.42
N ARG B 136 -18.83 7.08 17.98
CA ARG B 136 -17.76 6.48 17.20
C ARG B 136 -17.79 4.98 17.45
N GLY B 137 -19.00 4.46 17.61
CA GLY B 137 -19.19 3.08 18.00
C GLY B 137 -20.24 2.95 19.09
N THR B 138 -20.33 1.75 19.68
CA THR B 138 -21.42 1.43 20.61
C THR B 138 -20.89 1.08 22.00
N GLU B 139 -19.58 0.93 22.14
CA GLU B 139 -19.00 0.66 23.45
C GLU B 139 -19.48 1.67 24.51
N LEU B 140 -19.77 1.17 25.71
CA LEU B 140 -20.15 2.04 26.82
C LEU B 140 -19.12 1.93 27.90
N ASP B 141 -18.76 3.06 28.51
CA ASP B 141 -17.69 3.12 29.50
C ASP B 141 -18.27 2.99 30.91
N CYS B 142 -18.08 1.82 31.51
CA CYS B 142 -18.63 1.48 32.84
C CYS B 142 -18.07 2.31 33.96
N GLY B 143 -16.97 3.00 33.70
CA GLY B 143 -16.31 3.78 34.72
C GLY B 143 -15.69 2.92 35.80
N ILE B 144 -15.01 3.57 36.72
CA ILE B 144 -14.32 2.91 37.81
C ILE B 144 -14.30 3.90 38.97
N GLU B 145 -14.26 3.39 40.20
CA GLU B 145 -14.51 4.20 41.39
C GLU B 145 -13.28 4.84 42.03
N THR B 146 -13.44 6.11 42.42
CA THR B 146 -12.55 6.88 43.30
C THR B 146 -13.35 8.11 43.77
N ASP B 147 -14.46 8.37 43.08
CA ASP B 147 -15.38 9.51 43.28
C ASP B 147 -14.83 10.76 43.97
N HIS B 157 9.69 27.38 2.93
CA HIS B 157 9.55 26.05 3.51
C HIS B 157 8.39 25.24 2.90
N LYS B 158 8.13 24.08 3.50
CA LYS B 158 6.99 23.25 3.16
C LYS B 158 6.39 22.71 4.45
N ILE B 159 5.07 22.55 4.47
CA ILE B 159 4.45 21.88 5.61
C ILE B 159 3.63 20.69 5.13
N PRO B 160 3.39 19.71 6.02
CA PRO B 160 2.54 18.57 5.68
C PRO B 160 1.13 19.05 5.41
N VAL B 161 0.44 18.42 4.48
CA VAL B 161 -0.90 18.86 4.11
C VAL B 161 -1.87 18.50 5.22
N ASP B 162 -1.50 17.52 6.05
CA ASP B 162 -2.34 17.11 7.18
C ASP B 162 -2.09 17.94 8.49
N ALA B 163 -1.14 18.88 8.44
CA ALA B 163 -0.85 19.79 9.57
C ALA B 163 -1.90 20.88 9.82
N ASP B 164 -1.88 21.43 11.03
CA ASP B 164 -2.80 22.50 11.46
C ASP B 164 -4.26 22.07 11.58
N PHE B 165 -4.48 20.79 11.83
CA PHE B 165 -5.82 20.31 12.09
C PHE B 165 -5.94 19.93 13.56
N LEU B 166 -7.13 20.17 14.11
CA LEU B 166 -7.46 19.70 15.42
C LEU B 166 -8.87 19.13 15.35
N TYR B 167 -9.00 17.89 15.74
CA TYR B 167 -10.29 17.25 15.84
C TYR B 167 -10.59 17.08 17.32
N ALA B 168 -11.72 17.60 17.75
CA ALA B 168 -12.13 17.50 19.13
C ALA B 168 -13.35 16.60 19.15
N TYR B 169 -13.12 15.31 19.38
CA TYR B 169 -14.21 14.36 19.44
C TYR B 169 -14.85 14.41 20.82
N SER B 170 -16.15 14.08 20.87
CA SER B 170 -16.88 14.01 22.13
C SER B 170 -16.61 12.72 22.93
N THR B 171 -16.19 11.63 22.27
CA THR B 171 -15.77 10.39 22.97
C THR B 171 -14.52 9.75 22.41
N ALA B 172 -14.05 8.75 23.13
CA ALA B 172 -12.96 7.89 22.73
C ALA B 172 -13.35 7.06 21.51
N PRO B 173 -12.39 6.68 20.66
CA PRO B 173 -12.68 5.82 19.52
C PRO B 173 -13.40 4.56 19.96
N GLY B 174 -14.46 4.18 19.25
CA GLY B 174 -15.18 2.96 19.60
C GLY B 174 -16.43 3.22 20.40
N TYR B 175 -16.50 4.38 21.06
CA TYR B 175 -17.52 4.63 22.08
C TYR B 175 -18.74 5.43 21.65
N TYR B 176 -19.78 5.22 22.44
CA TYR B 176 -21.03 5.94 22.38
C TYR B 176 -20.82 7.33 22.94
N SER B 177 -21.52 8.31 22.36
CA SER B 177 -21.49 9.68 22.83
C SER B 177 -22.86 10.01 23.45
N TRP B 178 -22.83 10.43 24.72
CA TRP B 178 -24.06 10.70 25.47
C TRP B 178 -24.68 12.10 25.28
N ARG B 179 -26.00 12.14 25.14
CA ARG B 179 -26.76 13.39 25.02
C ARG B 179 -27.84 13.45 26.07
N ASN B 180 -27.98 14.60 26.73
CA ASN B 180 -29.13 14.81 27.61
C ASN B 180 -30.18 15.65 26.89
N SER B 181 -31.41 15.13 26.88
CA SER B 181 -32.56 15.76 26.22
C SER B 181 -32.86 17.21 26.64
N LYS B 182 -32.55 17.54 27.89
CA LYS B 182 -32.80 18.87 28.44
C LYS B 182 -31.66 19.87 28.20
N ASP B 183 -30.43 19.50 28.56
CA ASP B 183 -29.30 20.43 28.44
C ASP B 183 -28.32 20.12 27.31
N GLY B 184 -28.77 19.40 26.29
CA GLY B 184 -27.90 19.03 25.19
C GLY B 184 -26.85 17.97 25.56
N SER B 185 -25.93 17.70 24.62
CA SER B 185 -24.92 16.66 24.80
C SER B 185 -23.94 17.04 25.88
N TRP B 186 -23.46 16.04 26.62
CA TRP B 186 -22.50 16.28 27.70
C TRP B 186 -21.30 17.11 27.23
N PHE B 187 -20.74 16.71 26.10
CA PHE B 187 -19.51 17.30 25.56
C PHE B 187 -19.69 18.76 25.17
N ILE B 188 -20.67 19.03 24.30
CA ILE B 188 -20.94 20.40 23.85
C ILE B 188 -21.26 21.35 25.00
N GLN B 189 -22.13 20.88 25.89
CA GLN B 189 -22.44 21.57 27.14
C GLN B 189 -21.16 22.01 27.85
N SER B 190 -20.23 21.08 28.02
CA SER B 190 -18.97 21.31 28.70
C SER B 190 -17.99 22.14 27.90
N LEU B 191 -17.99 22.00 26.58
CA LEU B 191 -17.09 22.77 25.73
C LEU B 191 -17.47 24.24 25.80
N CYS B 192 -18.77 24.52 25.79
CA CYS B 192 -19.27 25.89 25.79
C CYS B 192 -18.99 26.57 27.12
N ALA B 193 -19.36 25.89 28.19
CA ALA B 193 -19.15 26.41 29.53
C ALA B 193 -17.70 26.76 29.66
N MET B 194 -16.85 25.87 29.16
CA MET B 194 -15.40 26.05 29.32
C MET B 194 -14.76 27.12 28.42
N LEU B 195 -15.29 27.26 27.22
CA LEU B 195 -14.87 28.34 26.35
C LEU B 195 -15.25 29.72 26.91
N LYS B 196 -16.49 29.86 27.36
CA LYS B 196 -16.93 31.10 28.00
C LYS B 196 -16.03 31.47 29.21
N GLN B 197 -15.72 30.50 30.03
CA GLN B 197 -14.92 30.73 31.22
C GLN B 197 -13.43 30.98 30.95
N TYR B 198 -12.87 30.36 29.90
CA TYR B 198 -11.42 30.35 29.77
C TYR B 198 -10.85 30.81 28.45
N ALA B 199 -11.67 31.10 27.45
CA ALA B 199 -11.13 31.53 26.17
C ALA B 199 -10.24 32.77 26.32
N ASP B 200 -10.55 33.62 27.28
CA ASP B 200 -9.77 34.85 27.48
C ASP B 200 -8.42 34.65 28.20
N LYS B 201 -8.23 33.48 28.81
CA LYS B 201 -7.01 33.19 29.56
C LYS B 201 -6.18 32.03 28.98
N LEU B 202 -6.74 30.81 29.03
CA LEU B 202 -6.03 29.57 28.67
C LEU B 202 -5.79 29.35 27.17
N GLU B 203 -4.78 28.52 26.87
CA GLU B 203 -4.52 27.97 25.54
C GLU B 203 -5.54 26.88 25.18
N PHE B 204 -5.83 26.70 23.90
CA PHE B 204 -6.91 25.79 23.50
C PHE B 204 -6.81 24.32 23.98
N MET B 205 -5.63 23.73 23.94
CA MET B 205 -5.45 22.39 24.51
C MET B 205 -5.82 22.37 25.98
N HIS B 206 -5.41 23.40 26.71
CA HIS B 206 -5.70 23.43 28.13
C HIS B 206 -7.19 23.61 28.37
N ILE B 207 -7.88 24.24 27.42
CA ILE B 207 -9.32 24.37 27.55
C ILE B 207 -10.00 23.00 27.32
N LEU B 208 -9.60 22.33 26.23
CA LEU B 208 -10.16 21.02 25.89
C LEU B 208 -9.83 20.01 26.99
N THR B 209 -8.65 20.17 27.59
CA THR B 209 -8.27 19.33 28.72
C THR B 209 -9.29 19.48 29.87
N ARG B 210 -9.58 20.75 30.26
CA ARG B 210 -10.62 21.04 31.24
C ARG B 210 -11.96 20.47 30.81
N VAL B 211 -12.28 20.59 29.53
CA VAL B 211 -13.49 19.95 29.03
C VAL B 211 -13.45 18.44 29.36
N ASN B 212 -12.31 17.78 29.08
CA ASN B 212 -12.19 16.35 29.38
C ASN B 212 -12.56 16.04 30.85
N ARG B 213 -12.03 16.81 31.79
CA ARG B 213 -12.32 16.60 33.21
C ARG B 213 -13.79 16.84 33.55
N LYS B 214 -14.37 17.90 32.98
CA LYS B 214 -15.76 18.21 33.25
C LYS B 214 -16.66 17.03 32.81
N VAL B 215 -16.45 16.56 31.59
CA VAL B 215 -17.23 15.43 31.08
C VAL B 215 -16.97 14.17 31.92
N ALA B 216 -15.69 13.88 32.14
CA ALA B 216 -15.30 12.69 32.84
C ALA B 216 -15.80 12.61 34.27
N THR B 217 -15.88 13.74 34.96
CA THR B 217 -16.21 13.72 36.39
C THR B 217 -17.59 14.18 36.76
N GLU B 218 -18.17 15.11 36.02
CA GLU B 218 -19.49 15.64 36.38
C GLU B 218 -20.71 14.91 35.76
N PHE B 219 -20.47 13.92 34.91
CA PHE B 219 -21.57 13.30 34.18
C PHE B 219 -21.62 11.79 34.38
N GLU B 220 -22.85 11.27 34.39
CA GLU B 220 -23.09 9.86 34.61
C GLU B 220 -24.50 9.61 34.10
N SER B 221 -24.64 8.70 33.13
CA SER B 221 -25.94 8.42 32.52
C SER B 221 -26.97 7.88 33.53
N PHE B 222 -28.25 8.09 33.21
CA PHE B 222 -29.36 7.54 34.00
C PHE B 222 -30.31 6.73 33.13
N SER B 223 -30.65 5.53 33.58
CA SER B 223 -31.53 4.67 32.80
C SER B 223 -32.23 3.68 33.67
N PHE B 224 -33.50 3.41 33.34
CA PHE B 224 -34.26 2.33 33.98
C PHE B 224 -33.64 1.00 33.58
N ASP B 225 -32.89 1.04 32.47
CA ASP B 225 -32.18 -0.11 31.95
C ASP B 225 -30.76 -0.16 32.51
N ALA B 226 -30.46 -1.19 33.31
CA ALA B 226 -29.14 -1.32 33.94
C ALA B 226 -27.97 -1.35 32.92
N THR B 227 -28.24 -1.84 31.71
CA THR B 227 -27.29 -1.82 30.61
C THR B 227 -26.81 -0.40 30.31
N PHE B 228 -27.76 0.54 30.30
CA PHE B 228 -27.47 1.90 29.90
C PHE B 228 -27.26 2.83 31.07
N HIS B 229 -27.18 2.27 32.28
CA HIS B 229 -27.16 3.05 33.52
C HIS B 229 -25.77 3.20 34.09
N ALA B 230 -25.53 4.35 34.72
CA ALA B 230 -24.27 4.66 35.39
C ALA B 230 -23.04 4.73 34.45
N LYS B 231 -23.30 5.01 33.17
CA LYS B 231 -22.24 5.02 32.16
C LYS B 231 -21.46 6.32 32.12
N LYS B 232 -20.15 6.20 31.93
CA LYS B 232 -19.27 7.35 31.95
C LYS B 232 -18.81 7.73 30.53
N GLN B 233 -18.07 8.84 30.42
CA GLN B 233 -17.57 9.30 29.12
C GLN B 233 -16.31 10.18 29.22
N ILE B 234 -15.37 9.97 28.30
CA ILE B 234 -14.24 10.88 28.12
C ILE B 234 -14.15 11.29 26.66
N PRO B 235 -14.02 12.60 26.38
CA PRO B 235 -13.81 13.04 24.99
C PRO B 235 -12.38 12.68 24.56
N CYS B 236 -12.03 13.03 23.33
CA CYS B 236 -10.76 12.61 22.76
C CYS B 236 -10.22 13.75 21.91
N ILE B 237 -9.14 14.37 22.36
CA ILE B 237 -8.56 15.49 21.64
C ILE B 237 -7.53 14.97 20.63
N VAL B 238 -7.67 15.40 19.38
CA VAL B 238 -6.74 14.93 18.37
C VAL B 238 -6.14 16.16 17.68
N SER B 239 -4.84 16.37 17.91
CA SER B 239 -4.16 17.59 17.49
C SER B 239 -2.98 17.34 16.55
N MET B 240 -3.04 17.93 15.37
CA MET B 240 -1.90 18.04 14.49
C MET B 240 -1.62 19.51 14.34
N LEU B 241 -1.95 20.27 15.38
CA LEU B 241 -1.62 21.67 15.44
C LEU B 241 -0.13 21.80 15.60
N THR B 242 0.46 22.80 14.95
CA THR B 242 1.88 23.05 15.09
C THR B 242 2.16 24.18 16.06
N LYS B 243 1.11 24.82 16.57
CA LYS B 243 1.28 25.97 17.46
C LYS B 243 0.31 26.07 18.63
N GLU B 244 0.65 26.89 19.60
CA GLU B 244 -0.28 27.26 20.64
C GLU B 244 -1.42 28.09 20.04
N LEU B 245 -2.65 27.88 20.53
CA LEU B 245 -3.82 28.54 19.99
C LEU B 245 -4.51 29.30 21.10
N TYR B 246 -4.50 30.61 21.01
CA TYR B 246 -5.18 31.49 21.97
C TYR B 246 -6.23 32.25 21.20
N PHE B 247 -7.43 32.36 21.78
CA PHE B 247 -8.52 33.08 21.14
C PHE B 247 -8.43 34.60 21.31
N TYR B 248 -7.85 35.06 22.42
CA TYR B 248 -7.60 36.48 22.67
C TYR B 248 -6.17 36.84 22.27
N HIS B 249 -5.93 38.12 22.02
CA HIS B 249 -4.63 38.57 21.54
C HIS B 249 -3.75 39.22 22.63
N ASP C 6 12.75 -18.50 -42.16
CA ASP C 6 11.29 -18.72 -41.93
C ASP C 6 10.96 -19.04 -40.46
N ASN C 7 11.93 -18.85 -39.59
CA ASN C 7 11.74 -19.01 -38.14
C ASN C 7 11.63 -17.66 -37.44
N SER C 8 11.69 -16.60 -38.25
CA SER C 8 11.66 -15.24 -37.76
C SER C 8 10.67 -14.36 -38.54
N TYR C 9 10.22 -13.27 -37.91
CA TYR C 9 9.28 -12.33 -38.53
C TYR C 9 9.87 -11.70 -39.79
N LYS C 10 8.98 -11.21 -40.66
CA LYS C 10 9.39 -10.52 -41.88
C LYS C 10 9.63 -9.03 -41.62
N MET C 11 10.89 -8.66 -41.43
CA MET C 11 11.22 -7.30 -41.06
C MET C 11 11.66 -6.43 -42.24
N ASP C 12 11.36 -6.88 -43.45
CA ASP C 12 11.87 -6.25 -44.68
C ASP C 12 10.82 -5.51 -45.53
N TYR C 13 9.67 -5.20 -44.92
CA TYR C 13 8.68 -4.32 -45.56
C TYR C 13 9.31 -2.94 -45.82
N PRO C 14 8.67 -2.09 -46.63
CA PRO C 14 9.20 -0.73 -46.86
C PRO C 14 9.47 0.05 -45.54
N GLU C 15 8.56 -0.08 -44.57
CA GLU C 15 8.68 0.61 -43.29
C GLU C 15 8.84 -0.36 -42.12
N MET C 16 9.63 0.05 -41.12
CA MET C 16 9.76 -0.67 -39.85
C MET C 16 8.46 -0.66 -39.06
N GLY C 17 7.77 0.47 -39.10
CA GLY C 17 6.54 0.65 -38.38
C GLY C 17 6.58 1.96 -37.63
N LEU C 18 5.52 2.24 -36.87
CA LEU C 18 5.50 3.46 -36.09
C LEU C 18 5.62 3.18 -34.58
N CYS C 19 6.37 4.02 -33.89
CA CYS C 19 6.58 3.89 -32.46
C CYS C 19 5.82 4.97 -31.73
N ILE C 20 4.71 4.60 -31.11
CA ILE C 20 3.87 5.55 -30.40
C ILE C 20 4.33 5.60 -28.95
N ILE C 21 4.77 6.78 -28.50
CA ILE C 21 5.25 6.95 -27.13
C ILE C 21 4.30 7.85 -26.34
N ILE C 22 3.73 7.32 -25.26
CA ILE C 22 2.85 8.11 -24.42
C ILE C 22 3.57 8.45 -23.11
N ASN C 23 3.69 9.75 -22.84
CA ASN C 23 4.53 10.24 -21.75
C ASN C 23 3.77 11.14 -20.77
N ASN C 24 3.32 10.54 -19.67
CA ASN C 24 2.48 11.23 -18.71
C ASN C 24 3.27 11.75 -17.48
N LYS C 25 3.43 13.07 -17.42
CA LYS C 25 4.20 13.75 -16.38
C LYS C 25 3.29 14.28 -15.26
N ASN C 26 2.25 15.02 -15.63
CA ASN C 26 1.39 15.71 -14.67
C ASN C 26 -0.02 15.19 -14.66
N PHE C 27 -0.61 15.15 -13.48
CA PHE C 27 -1.92 14.54 -13.29
C PHE C 27 -2.87 15.56 -12.70
N HIS C 28 -4.16 15.32 -12.92
CA HIS C 28 -5.21 16.23 -12.49
C HIS C 28 -5.32 16.17 -10.99
N LYS C 29 -5.37 17.34 -10.36
CA LYS C 29 -5.43 17.43 -8.90
C LYS C 29 -6.43 16.43 -8.28
N SER C 30 -7.50 16.15 -9.02
CA SER C 30 -8.58 15.26 -8.61
C SER C 30 -8.13 13.81 -8.36
N THR C 31 -7.06 13.41 -9.05
CA THR C 31 -6.54 12.05 -8.93
C THR C 31 -5.61 11.87 -7.72
N GLY C 32 -5.11 12.99 -7.17
CA GLY C 32 -4.16 12.95 -6.06
C GLY C 32 -2.77 12.37 -6.39
N MET C 33 -2.56 11.99 -7.66
CA MET C 33 -1.33 11.35 -8.06
C MET C 33 -0.20 12.35 -8.25
N THR C 34 1.01 11.94 -7.92
CA THR C 34 2.17 12.83 -7.94
C THR C 34 2.76 13.06 -9.32
N SER C 35 3.65 14.04 -9.38
CA SER C 35 4.30 14.41 -10.61
C SER C 35 5.45 13.44 -10.90
N ARG C 36 5.55 13.00 -12.15
CA ARG C 36 6.55 12.00 -12.54
C ARG C 36 7.83 12.66 -13.02
N SER C 37 8.59 13.22 -12.09
CA SER C 37 9.78 14.02 -12.44
C SER C 37 10.79 13.21 -13.21
N GLY C 38 11.24 13.74 -14.33
CA GLY C 38 12.29 13.10 -15.08
C GLY C 38 11.78 12.22 -16.19
N THR C 39 10.46 12.04 -16.30
CA THR C 39 9.95 11.13 -17.33
C THR C 39 10.36 11.53 -18.76
N ASP C 40 10.51 12.84 -18.99
CA ASP C 40 10.93 13.38 -20.28
C ASP C 40 12.31 12.85 -20.72
N VAL C 41 13.12 12.48 -19.73
CA VAL C 41 14.39 11.82 -19.98
C VAL C 41 14.22 10.44 -20.63
N ASP C 42 13.17 9.71 -20.24
CA ASP C 42 12.91 8.40 -20.82
C ASP C 42 12.40 8.60 -22.25
N ALA C 43 11.40 9.47 -22.39
CA ALA C 43 10.82 9.79 -23.68
C ALA C 43 11.91 10.22 -24.69
N ALA C 44 12.77 11.16 -24.31
CA ALA C 44 13.87 11.60 -25.16
C ALA C 44 14.81 10.46 -25.54
N ASN C 45 15.00 9.52 -24.63
CA ASN C 45 15.92 8.43 -24.84
C ASN C 45 15.30 7.39 -25.75
N LEU C 46 13.98 7.23 -25.66
CA LEU C 46 13.26 6.26 -26.47
C LEU C 46 13.02 6.80 -27.87
N ARG C 47 12.80 8.12 -27.95
CA ARG C 47 12.63 8.84 -29.21
C ARG C 47 13.92 8.76 -30.03
N GLU C 48 15.06 8.74 -29.35
CA GLU C 48 16.33 8.62 -30.02
C GLU C 48 16.52 7.18 -30.50
N THR C 49 16.47 6.25 -29.56
CA THR C 49 16.74 4.83 -29.79
C THR C 49 15.86 4.22 -30.90
N PHE C 50 14.59 4.60 -30.93
CA PHE C 50 13.66 4.05 -31.92
C PHE C 50 13.71 4.77 -33.27
N ARG C 51 13.96 6.08 -33.27
CA ARG C 51 14.22 6.83 -34.50
C ARG C 51 15.48 6.32 -35.18
N ASN C 52 16.45 5.90 -34.38
CA ASN C 52 17.67 5.26 -34.86
C ASN C 52 17.47 3.82 -35.31
N LEU C 53 16.35 3.22 -34.89
CA LEU C 53 16.00 1.87 -35.31
C LEU C 53 15.15 1.94 -36.57
N LYS C 54 14.95 3.17 -37.06
CA LYS C 54 14.19 3.42 -38.29
C LYS C 54 12.67 3.39 -38.10
N TYR C 55 12.20 3.81 -36.92
CA TYR C 55 10.76 3.85 -36.65
C TYR C 55 10.17 5.24 -36.86
N GLU C 56 8.90 5.29 -37.23
CA GLU C 56 8.19 6.55 -37.24
C GLU C 56 7.71 6.86 -35.81
N VAL C 57 8.58 7.51 -35.04
CA VAL C 57 8.31 7.81 -33.63
C VAL C 57 7.32 8.96 -33.49
N ARG C 58 6.23 8.74 -32.77
CA ARG C 58 5.29 9.81 -32.41
C ARG C 58 5.24 10.00 -30.90
N ASN C 59 5.65 11.18 -30.41
CA ASN C 59 5.60 11.47 -28.98
C ASN C 59 4.28 12.10 -28.56
N LYS C 60 3.78 11.72 -27.39
CA LYS C 60 2.53 12.26 -26.85
C LYS C 60 2.62 12.50 -25.34
N ASN C 61 2.55 13.76 -24.92
CA ASN C 61 2.66 14.10 -23.52
C ASN C 61 1.31 14.39 -22.85
N ASP C 62 1.19 13.96 -21.60
CA ASP C 62 0.08 14.29 -20.73
C ASP C 62 -1.33 14.02 -21.29
N LEU C 63 -1.55 12.78 -21.72
CA LEU C 63 -2.85 12.34 -22.24
C LEU C 63 -3.82 11.94 -21.14
N THR C 64 -5.11 12.20 -21.35
CA THR C 64 -6.13 11.77 -20.38
C THR C 64 -6.53 10.33 -20.72
N ARG C 65 -7.27 9.68 -19.82
CA ARG C 65 -7.78 8.34 -20.07
C ARG C 65 -8.53 8.25 -21.41
N GLU C 66 -9.36 9.26 -21.67
CA GLU C 66 -10.08 9.40 -22.95
C GLU C 66 -9.12 9.53 -24.15
N GLU C 67 -8.21 10.49 -24.10
CA GLU C 67 -7.25 10.73 -25.18
C GLU C 67 -6.33 9.55 -25.49
N ILE C 68 -6.05 8.72 -24.49
CA ILE C 68 -5.23 7.53 -24.74
C ILE C 68 -6.04 6.55 -25.59
N VAL C 69 -7.28 6.27 -25.18
CA VAL C 69 -8.15 5.32 -25.87
C VAL C 69 -8.41 5.80 -27.30
N GLU C 70 -8.96 7.02 -27.42
CA GLU C 70 -9.04 7.79 -28.66
C GLU C 70 -7.84 7.55 -29.59
N LEU C 71 -6.63 7.80 -29.06
CA LEU C 71 -5.40 7.79 -29.86
C LEU C 71 -5.10 6.42 -30.44
N MET C 72 -5.26 5.39 -29.61
CA MET C 72 -4.99 4.00 -30.03
C MET C 72 -5.95 3.58 -31.13
N ARG C 73 -7.24 3.80 -30.86
CA ARG C 73 -8.33 3.70 -31.85
C ARG C 73 -7.91 4.22 -33.24
N ASP C 74 -7.36 5.43 -33.29
CA ASP C 74 -6.95 6.06 -34.55
C ASP C 74 -5.75 5.41 -35.21
N VAL C 75 -4.73 5.11 -34.40
CA VAL C 75 -3.50 4.50 -34.90
C VAL C 75 -3.79 3.10 -35.41
N SER C 76 -4.73 2.42 -34.75
CA SER C 76 -5.15 1.09 -35.15
C SER C 76 -5.89 1.16 -36.48
N LYS C 77 -6.86 2.08 -36.61
CA LYS C 77 -7.62 2.26 -37.84
C LYS C 77 -6.75 2.70 -39.02
N GLU C 78 -5.47 2.96 -38.76
CA GLU C 78 -4.51 3.34 -39.80
C GLU C 78 -4.19 2.18 -40.74
N ASP C 79 -3.35 2.43 -41.75
CA ASP C 79 -2.99 1.39 -42.70
C ASP C 79 -1.57 0.91 -42.51
N HIS C 80 -1.42 -0.23 -41.85
CA HIS C 80 -0.12 -0.75 -41.47
C HIS C 80 0.42 -1.82 -42.41
N SER C 81 -0.30 -2.09 -43.49
CA SER C 81 0.05 -3.15 -44.44
C SER C 81 1.49 -3.06 -44.95
N LYS C 82 1.98 -1.82 -45.12
CA LYS C 82 3.35 -1.59 -45.58
C LYS C 82 4.41 -1.52 -44.45
N ARG C 83 3.97 -1.77 -43.21
CA ARG C 83 4.86 -1.68 -42.04
C ARG C 83 5.17 -3.05 -41.44
N SER C 84 6.43 -3.27 -41.08
CA SER C 84 6.87 -4.54 -40.49
C SER C 84 6.35 -4.79 -39.07
N SER C 85 6.12 -3.71 -38.30
CA SER C 85 5.77 -3.86 -36.89
C SER C 85 5.05 -2.67 -36.28
N PHE C 86 4.76 -2.78 -34.99
CA PHE C 86 4.17 -1.69 -34.22
C PHE C 86 4.70 -1.69 -32.79
N VAL C 87 5.09 -0.51 -32.32
CA VAL C 87 5.62 -0.35 -30.96
C VAL C 87 4.84 0.71 -30.20
N CYS C 88 4.36 0.34 -29.01
CA CYS C 88 3.71 1.31 -28.10
C CYS C 88 4.45 1.33 -26.78
N VAL C 89 4.88 2.52 -26.37
CA VAL C 89 5.56 2.70 -25.10
C VAL C 89 4.63 3.48 -24.18
N LEU C 90 4.46 3.00 -22.95
CA LEU C 90 3.71 3.75 -21.95
C LEU C 90 4.60 4.09 -20.77
N LEU C 91 4.64 5.39 -20.46
CA LEU C 91 5.39 5.90 -19.32
C LEU C 91 4.39 6.57 -18.45
N SER C 92 4.06 5.96 -17.32
CA SER C 92 3.06 6.53 -16.44
C SER C 92 2.99 5.83 -15.06
N HIS C 93 2.20 6.39 -14.13
CA HIS C 93 1.84 5.64 -12.93
C HIS C 93 1.05 4.43 -13.41
N GLY C 94 0.98 3.39 -12.59
CA GLY C 94 0.20 2.23 -12.93
C GLY C 94 -0.09 1.33 -11.76
N GLU C 95 -0.97 0.37 -12.00
CA GLU C 95 -1.30 -0.70 -11.07
C GLU C 95 -1.31 -1.98 -11.90
N GLU C 96 -1.38 -3.13 -11.24
CA GLU C 96 -1.47 -4.40 -11.96
C GLU C 96 -2.49 -4.33 -13.09
N GLY C 97 -1.99 -4.45 -14.32
CA GLY C 97 -2.86 -4.44 -15.48
C GLY C 97 -3.48 -3.10 -15.82
N ILE C 98 -2.98 -2.02 -15.22
CA ILE C 98 -3.51 -0.67 -15.45
C ILE C 98 -2.42 0.39 -15.61
N ILE C 99 -2.51 1.20 -16.67
CA ILE C 99 -1.75 2.46 -16.70
C ILE C 99 -2.65 3.67 -16.50
N PHE C 100 -2.12 4.71 -15.88
CA PHE C 100 -2.91 5.91 -15.69
C PHE C 100 -2.85 6.93 -16.82
N GLY C 101 -4.02 7.39 -17.25
CA GLY C 101 -4.12 8.65 -17.95
C GLY C 101 -4.06 9.74 -16.88
N THR C 102 -3.75 10.97 -17.31
CA THR C 102 -3.55 12.07 -16.37
C THR C 102 -4.71 12.32 -15.42
N ASN C 103 -5.90 11.90 -15.83
CA ASN C 103 -7.11 12.10 -15.04
C ASN C 103 -7.78 10.79 -14.57
N GLY C 104 -7.17 9.64 -14.87
CA GLY C 104 -7.71 8.37 -14.39
C GLY C 104 -7.10 7.10 -14.96
N PRO C 105 -7.47 5.96 -14.36
CA PRO C 105 -6.95 4.64 -14.74
C PRO C 105 -7.45 4.14 -16.08
N VAL C 106 -6.62 3.40 -16.81
CA VAL C 106 -7.04 2.70 -18.03
C VAL C 106 -6.53 1.25 -18.00
N ASP C 107 -7.41 0.30 -18.29
CA ASP C 107 -7.02 -1.11 -18.35
C ASP C 107 -6.19 -1.32 -19.59
N LEU C 108 -5.03 -1.93 -19.43
CA LEU C 108 -4.12 -2.16 -20.54
C LEU C 108 -4.76 -3.00 -21.63
N LYS C 109 -5.64 -3.90 -21.21
CA LYS C 109 -6.34 -4.79 -22.13
C LYS C 109 -7.16 -3.99 -23.15
N LYS C 110 -7.89 -2.97 -22.68
CA LYS C 110 -8.60 -2.07 -23.58
C LYS C 110 -7.68 -1.48 -24.65
N ILE C 111 -6.50 -1.00 -24.26
CA ILE C 111 -5.63 -0.39 -25.25
C ILE C 111 -4.99 -1.40 -26.22
N THR C 112 -4.68 -2.60 -25.74
CA THR C 112 -4.09 -3.64 -26.60
C THR C 112 -5.11 -4.28 -27.53
N ASN C 113 -6.33 -4.44 -27.02
CA ASN C 113 -7.41 -5.02 -27.80
C ASN C 113 -7.64 -4.37 -29.17
N PHE C 114 -7.37 -3.08 -29.27
CA PHE C 114 -7.46 -2.33 -30.54
C PHE C 114 -6.52 -2.88 -31.63
N PHE C 115 -5.61 -3.77 -31.24
CA PHE C 115 -4.61 -4.29 -32.15
C PHE C 115 -4.70 -5.82 -32.27
N ARG C 116 -5.70 -6.41 -31.63
CA ARG C 116 -5.80 -7.86 -31.63
C ARG C 116 -6.30 -8.41 -32.95
N GLY C 117 -5.49 -9.30 -33.54
CA GLY C 117 -5.79 -10.04 -34.77
C GLY C 117 -6.96 -9.64 -35.66
N ASP C 118 -8.18 -9.74 -35.15
CA ASP C 118 -9.38 -9.41 -35.92
C ASP C 118 -9.60 -7.90 -36.09
N ARG C 119 -9.50 -7.15 -35.00
CA ARG C 119 -9.79 -5.70 -35.00
C ARG C 119 -8.71 -4.82 -35.65
N CYS C 120 -7.72 -5.43 -36.29
CA CYS C 120 -6.68 -4.69 -36.99
C CYS C 120 -5.93 -5.61 -37.96
N ARG C 121 -6.43 -5.66 -39.20
CA ARG C 121 -5.99 -6.63 -40.19
C ARG C 121 -4.60 -6.34 -40.77
N SER C 122 -4.25 -5.06 -40.84
CA SER C 122 -2.97 -4.67 -41.45
C SER C 122 -1.73 -4.97 -40.59
N LEU C 123 -1.96 -5.41 -39.35
CA LEU C 123 -0.89 -5.84 -38.45
C LEU C 123 -0.90 -7.35 -38.16
N THR C 124 -1.92 -8.04 -38.69
CA THR C 124 -2.06 -9.49 -38.53
C THR C 124 -0.79 -10.20 -38.97
N GLY C 125 -0.23 -11.01 -38.08
CA GLY C 125 1.01 -11.72 -38.36
C GLY C 125 2.26 -10.87 -38.24
N LYS C 126 2.09 -9.65 -37.74
CA LYS C 126 3.23 -8.77 -37.43
C LYS C 126 3.38 -8.55 -35.92
N PRO C 127 4.62 -8.37 -35.46
CA PRO C 127 4.89 -8.22 -34.03
C PRO C 127 4.34 -6.91 -33.47
N LYS C 128 3.51 -7.04 -32.45
CA LYS C 128 2.92 -5.92 -31.73
C LYS C 128 3.66 -5.78 -30.39
N LEU C 129 4.61 -4.85 -30.33
CA LEU C 129 5.42 -4.67 -29.12
C LEU C 129 4.86 -3.63 -28.17
N PHE C 130 4.80 -3.98 -26.89
CA PHE C 130 4.30 -3.06 -25.87
C PHE C 130 5.26 -2.93 -24.71
N ILE C 131 5.81 -1.73 -24.56
CA ILE C 131 6.75 -1.41 -23.49
C ILE C 131 5.98 -0.68 -22.43
N ILE C 132 5.96 -1.22 -21.22
CA ILE C 132 5.23 -0.60 -20.13
C ILE C 132 6.20 -0.25 -19.02
N GLN C 133 6.41 1.03 -18.80
CA GLN C 133 7.19 1.52 -17.68
C GLN C 133 6.20 2.10 -16.69
N ALA C 134 5.74 1.25 -15.77
CA ALA C 134 4.69 1.63 -14.81
C ALA C 134 4.62 0.63 -13.68
N OCS C 135 4.25 1.13 -12.50
CA OCS C 135 4.11 0.31 -11.28
CB OCS C 135 3.71 1.19 -10.09
SG OCS C 135 4.23 2.82 -10.05
C OCS C 135 3.06 -0.75 -11.60
O OCS C 135 2.14 -0.52 -12.38
OD1 OCS C 135 4.32 3.20 -8.63
OD2 OCS C 135 5.57 2.90 -10.65
OD3 OCS C 135 3.39 3.88 -10.66
N ARG C 136 3.21 -1.93 -11.02
CA ARG C 136 2.25 -3.01 -11.22
C ARG C 136 1.76 -3.44 -9.84
N GLY C 137 1.85 -2.52 -8.89
CA GLY C 137 1.51 -2.76 -7.51
C GLY C 137 2.49 -1.99 -6.66
N THR C 138 2.50 -2.27 -5.36
CA THR C 138 3.34 -1.51 -4.44
C THR C 138 4.49 -2.29 -3.86
N GLU C 139 4.54 -3.60 -4.07
CA GLU C 139 5.59 -4.42 -3.45
C GLU C 139 7.01 -3.97 -3.81
N LEU C 140 7.90 -4.10 -2.84
CA LEU C 140 9.32 -3.82 -2.96
C LEU C 140 10.07 -5.14 -2.80
N ASP C 141 11.08 -5.37 -3.63
CA ASP C 141 11.89 -6.58 -3.60
C ASP C 141 13.18 -6.32 -2.82
N CYS C 142 13.36 -7.05 -1.71
CA CYS C 142 14.55 -6.93 -0.86
C CYS C 142 15.82 -7.41 -1.54
N GLY C 143 15.68 -8.40 -2.40
CA GLY C 143 16.84 -9.03 -2.98
C GLY C 143 17.46 -10.06 -2.06
N ILE C 144 18.53 -10.67 -2.55
CA ILE C 144 19.30 -11.70 -1.86
C ILE C 144 20.74 -11.56 -2.32
N GLU C 145 21.67 -11.71 -1.39
CA GLU C 145 23.09 -11.65 -1.71
C GLU C 145 23.49 -12.86 -2.56
N THR C 146 24.55 -12.71 -3.36
CA THR C 146 24.97 -13.76 -4.30
C THR C 146 25.64 -14.95 -3.60
N LYS C 158 -5.05 -19.86 -40.10
CA LYS C 158 -5.76 -19.21 -38.99
C LYS C 158 -4.90 -19.21 -37.73
N ILE C 159 -4.77 -18.03 -37.10
CA ILE C 159 -3.99 -17.89 -35.86
C ILE C 159 -4.88 -17.32 -34.74
N PRO C 160 -4.48 -17.50 -33.48
CA PRO C 160 -5.21 -16.89 -32.37
C PRO C 160 -5.11 -15.37 -32.49
N VAL C 161 -6.18 -14.66 -32.15
CA VAL C 161 -6.18 -13.20 -32.25
C VAL C 161 -5.12 -12.59 -31.33
N ASP C 162 -4.86 -13.27 -30.21
CA ASP C 162 -3.90 -12.80 -29.20
C ASP C 162 -2.43 -13.08 -29.52
N ALA C 163 -2.16 -13.50 -30.76
CA ALA C 163 -0.78 -13.85 -31.17
C ALA C 163 0.04 -12.68 -31.71
N ASP C 164 1.36 -12.87 -31.70
CA ASP C 164 2.33 -11.87 -32.13
C ASP C 164 2.29 -10.60 -31.28
N PHE C 165 1.98 -10.78 -29.99
CA PHE C 165 2.01 -9.71 -29.02
C PHE C 165 3.23 -9.90 -28.14
N LEU C 166 3.95 -8.82 -27.86
CA LEU C 166 4.98 -8.86 -26.83
C LEU C 166 4.78 -7.73 -25.81
N TYR C 167 4.92 -8.05 -24.53
CA TYR C 167 4.82 -7.07 -23.46
C TYR C 167 6.14 -7.02 -22.67
N ALA C 168 6.87 -5.93 -22.85
CA ALA C 168 8.08 -5.68 -22.07
C ALA C 168 7.66 -4.80 -20.89
N TYR C 169 7.42 -5.46 -19.75
CA TYR C 169 7.11 -4.81 -18.48
C TYR C 169 8.39 -4.39 -17.72
N SER C 170 8.33 -3.22 -17.07
CA SER C 170 9.45 -2.79 -16.23
C SER C 170 9.62 -3.58 -14.93
N THR C 171 8.56 -4.26 -14.48
CA THR C 171 8.62 -5.05 -13.23
C THR C 171 7.75 -6.28 -13.24
N ALA C 172 8.01 -7.15 -12.27
CA ALA C 172 7.22 -8.33 -12.03
C ALA C 172 5.82 -7.96 -11.54
N PRO C 173 4.82 -8.82 -11.81
CA PRO C 173 3.46 -8.61 -11.31
C PRO C 173 3.49 -8.27 -9.85
N GLY C 174 2.73 -7.26 -9.43
CA GLY C 174 2.61 -6.94 -8.02
C GLY C 174 3.60 -5.89 -7.50
N TYR C 175 4.63 -5.57 -8.28
CA TYR C 175 5.77 -4.76 -7.80
C TYR C 175 5.86 -3.31 -8.27
N TYR C 176 6.50 -2.50 -7.45
CA TYR C 176 6.84 -1.12 -7.75
C TYR C 176 7.87 -1.04 -8.87
N SER C 177 7.85 0.06 -9.61
CA SER C 177 8.84 0.26 -10.65
C SER C 177 9.72 1.46 -10.33
N TRP C 178 11.02 1.23 -10.19
CA TRP C 178 11.91 2.31 -9.83
C TRP C 178 12.32 3.25 -10.98
N ARG C 179 12.35 4.55 -10.65
CA ARG C 179 12.90 5.56 -11.55
C ARG C 179 13.92 6.45 -10.85
N ASN C 180 14.80 7.04 -11.65
CA ASN C 180 15.76 8.02 -11.18
C ASN C 180 15.33 9.29 -11.88
N SER C 181 14.98 10.31 -11.09
CA SER C 181 14.45 11.53 -11.65
C SER C 181 15.41 12.16 -12.66
N LYS C 182 16.70 12.14 -12.37
CA LYS C 182 17.67 12.76 -13.23
C LYS C 182 18.10 11.88 -14.43
N ASP C 183 18.40 10.61 -14.17
CA ASP C 183 19.05 9.75 -15.16
C ASP C 183 18.11 8.85 -15.95
N GLY C 184 16.83 8.81 -15.55
CA GLY C 184 15.81 8.00 -16.22
C GLY C 184 15.38 6.77 -15.43
N SER C 185 14.25 6.19 -15.80
CA SER C 185 13.83 4.94 -15.15
C SER C 185 14.83 3.80 -15.40
N TRP C 186 14.94 2.90 -14.41
CA TRP C 186 15.85 1.77 -14.45
C TRP C 186 15.65 0.95 -15.71
N PHE C 187 14.39 0.63 -15.98
CA PHE C 187 14.04 -0.18 -17.12
C PHE C 187 14.33 0.51 -18.45
N ILE C 188 13.75 1.69 -18.67
CA ILE C 188 13.97 2.38 -19.94
C ILE C 188 15.46 2.68 -20.18
N GLN C 189 16.17 2.96 -19.10
CA GLN C 189 17.60 3.20 -19.19
C GLN C 189 18.34 1.98 -19.73
N SER C 190 18.05 0.84 -19.14
CA SER C 190 18.61 -0.44 -19.55
C SER C 190 18.10 -0.92 -20.93
N LEU C 191 16.80 -0.76 -21.20
CA LEU C 191 16.27 -1.08 -22.52
C LEU C 191 17.04 -0.38 -23.66
N CYS C 192 17.11 0.94 -23.58
CA CYS C 192 17.76 1.73 -24.62
C CYS C 192 19.24 1.38 -24.74
N ALA C 193 19.93 1.18 -23.62
CA ALA C 193 21.34 0.83 -23.61
C ALA C 193 21.54 -0.46 -24.39
N MET C 194 20.76 -1.47 -24.02
CA MET C 194 20.89 -2.80 -24.60
C MET C 194 20.42 -2.91 -26.05
N LEU C 195 19.52 -2.02 -26.47
CA LEU C 195 19.12 -1.95 -27.88
C LEU C 195 20.25 -1.31 -28.67
N LYS C 196 20.72 -0.16 -28.20
CA LYS C 196 21.86 0.53 -28.79
C LYS C 196 23.07 -0.39 -29.02
N GLN C 197 23.36 -1.25 -28.05
CA GLN C 197 24.50 -2.16 -28.11
C GLN C 197 24.26 -3.44 -28.93
N TYR C 198 23.02 -3.89 -29.06
CA TYR C 198 22.74 -5.21 -29.62
C TYR C 198 21.67 -5.29 -30.71
N ALA C 199 21.05 -4.17 -31.04
CA ALA C 199 19.90 -4.16 -31.95
C ALA C 199 20.19 -4.79 -33.32
N ASP C 200 21.46 -4.78 -33.71
CA ASP C 200 21.88 -5.31 -35.00
C ASP C 200 22.54 -6.68 -34.90
N LYS C 201 22.62 -7.22 -33.68
CA LYS C 201 23.29 -8.48 -33.44
C LYS C 201 22.31 -9.57 -32.99
N LEU C 202 21.61 -9.31 -31.88
CA LEU C 202 20.83 -10.35 -31.21
C LEU C 202 19.33 -10.29 -31.48
N GLU C 203 18.68 -11.42 -31.20
CA GLU C 203 17.22 -11.51 -31.25
C GLU C 203 16.62 -10.72 -30.09
N PHE C 204 15.47 -10.09 -30.35
CA PHE C 204 14.81 -9.21 -29.37
C PHE C 204 14.66 -9.79 -27.97
N MET C 205 14.30 -11.07 -27.88
CA MET C 205 14.15 -11.74 -26.59
C MET C 205 15.48 -11.87 -25.84
N HIS C 206 16.57 -11.94 -26.60
CA HIS C 206 17.86 -12.08 -25.97
C HIS C 206 18.34 -10.72 -25.50
N ILE C 207 17.90 -9.69 -26.21
CA ILE C 207 18.13 -8.31 -25.78
C ILE C 207 17.47 -8.11 -24.42
N LEU C 208 16.18 -8.47 -24.33
CA LEU C 208 15.39 -8.20 -23.13
C LEU C 208 15.91 -8.99 -21.95
N THR C 209 16.46 -10.17 -22.22
CA THR C 209 17.12 -10.98 -21.23
C THR C 209 18.38 -10.25 -20.75
N ARG C 210 19.04 -9.54 -21.65
CA ARG C 210 20.18 -8.70 -21.27
C ARG C 210 19.70 -7.52 -20.43
N VAL C 211 18.57 -6.92 -20.84
CA VAL C 211 17.95 -5.83 -20.09
C VAL C 211 17.62 -6.32 -18.69
N ASN C 212 17.01 -7.49 -18.62
CA ASN C 212 16.69 -8.11 -17.35
C ASN C 212 17.92 -8.21 -16.42
N ARG C 213 19.07 -8.62 -16.98
CA ARG C 213 20.29 -8.80 -16.22
C ARG C 213 20.80 -7.47 -15.70
N LYS C 214 20.82 -6.48 -16.57
CA LYS C 214 21.28 -5.15 -16.23
C LYS C 214 20.45 -4.57 -15.07
N VAL C 215 19.12 -4.61 -15.18
CA VAL C 215 18.28 -4.02 -14.16
C VAL C 215 18.49 -4.77 -12.85
N ALA C 216 18.64 -6.08 -12.98
CA ALA C 216 18.75 -6.91 -11.79
C ALA C 216 20.12 -6.85 -11.10
N THR C 217 21.20 -6.53 -11.82
CA THR C 217 22.54 -6.58 -11.23
C THR C 217 23.18 -5.23 -10.97
N GLU C 218 22.91 -4.26 -11.84
CA GLU C 218 23.52 -2.93 -11.73
C GLU C 218 22.77 -1.93 -10.84
N PHE C 219 21.51 -2.23 -10.54
CA PHE C 219 20.64 -1.26 -9.90
C PHE C 219 20.23 -1.68 -8.51
N GLU C 220 20.32 -0.72 -7.60
CA GLU C 220 19.93 -0.88 -6.20
C GLU C 220 19.46 0.46 -5.63
N SER C 221 18.36 0.46 -4.88
CA SER C 221 17.81 1.71 -4.34
C SER C 221 18.61 2.26 -3.16
N PHE C 222 18.75 3.58 -3.10
CA PHE C 222 19.36 4.23 -1.97
C PHE C 222 18.36 5.05 -1.18
N SER C 223 18.49 5.04 0.15
CA SER C 223 17.63 5.83 1.03
C SER C 223 18.20 5.94 2.45
N PHE C 224 18.00 7.09 3.08
CA PHE C 224 18.36 7.27 4.49
C PHE C 224 17.39 6.53 5.41
N ASP C 225 16.28 6.07 4.82
CA ASP C 225 15.27 5.33 5.51
C ASP C 225 15.32 3.88 5.08
N ALA C 226 15.54 3.00 6.05
CA ALA C 226 15.70 1.56 5.82
C ALA C 226 14.65 1.01 4.87
N THR C 227 13.40 1.47 5.06
CA THR C 227 12.26 1.05 4.27
C THR C 227 12.48 1.05 2.75
N PHE C 228 13.18 2.05 2.23
CA PHE C 228 13.35 2.27 0.78
C PHE C 228 14.80 2.04 0.34
N HIS C 229 15.57 1.41 1.22
CA HIS C 229 16.97 1.23 0.96
C HIS C 229 17.33 -0.17 0.45
N ALA C 230 18.28 -0.21 -0.48
CA ALA C 230 18.82 -1.46 -1.02
C ALA C 230 17.74 -2.36 -1.63
N LYS C 231 16.82 -1.75 -2.38
CA LYS C 231 15.75 -2.50 -3.04
C LYS C 231 16.14 -2.85 -4.47
N LYS C 232 15.62 -3.97 -4.97
CA LYS C 232 15.97 -4.46 -6.29
C LYS C 232 14.73 -4.57 -7.19
N GLN C 233 14.97 -4.89 -8.46
CA GLN C 233 13.93 -4.96 -9.47
C GLN C 233 14.33 -5.92 -10.59
N ILE C 234 13.39 -6.78 -10.97
CA ILE C 234 13.51 -7.55 -12.19
C ILE C 234 12.41 -7.15 -13.17
N PRO C 235 12.74 -6.85 -14.43
CA PRO C 235 11.67 -6.61 -15.42
C PRO C 235 11.00 -7.96 -15.72
N CYS C 236 9.92 -7.95 -16.51
CA CYS C 236 9.17 -9.18 -16.77
C CYS C 236 8.72 -9.28 -18.24
N ILE C 237 9.34 -10.20 -18.99
CA ILE C 237 9.06 -10.38 -20.42
C ILE C 237 7.87 -11.29 -20.62
N VAL C 238 6.88 -10.80 -21.34
CA VAL C 238 5.68 -11.56 -21.63
C VAL C 238 5.48 -11.66 -23.15
N SER C 239 5.75 -12.85 -23.67
CA SER C 239 5.76 -13.10 -25.11
C SER C 239 4.69 -14.06 -25.59
N MET C 240 3.95 -13.63 -26.60
CA MET C 240 3.03 -14.48 -27.34
C MET C 240 3.43 -14.38 -28.82
N LEU C 241 4.71 -14.14 -29.06
CA LEU C 241 5.28 -14.10 -30.40
C LEU C 241 5.44 -15.51 -30.89
N THR C 242 5.33 -15.67 -32.20
CA THR C 242 5.44 -16.99 -32.81
C THR C 242 6.71 -17.08 -33.62
N LYS C 243 7.52 -16.02 -33.62
CA LYS C 243 8.74 -15.96 -34.44
C LYS C 243 9.86 -15.14 -33.79
N GLU C 244 11.10 -15.43 -34.18
CA GLU C 244 12.26 -14.65 -33.76
C GLU C 244 12.22 -13.27 -34.39
N LEU C 245 12.59 -12.23 -33.63
CA LEU C 245 12.54 -10.87 -34.12
C LEU C 245 13.93 -10.23 -34.11
N TYR C 246 14.39 -9.82 -35.29
CA TYR C 246 15.66 -9.16 -35.44
C TYR C 246 15.42 -7.82 -36.09
N PHE C 247 16.04 -6.78 -35.55
CA PHE C 247 15.82 -5.43 -36.04
C PHE C 247 16.64 -5.12 -37.29
N TYR C 248 17.53 -6.05 -37.63
CA TYR C 248 18.33 -5.96 -38.84
C TYR C 248 17.86 -7.03 -39.87
N HIS C 249 18.67 -8.06 -40.10
CA HIS C 249 18.40 -9.19 -41.02
C HIS C 249 18.15 -8.82 -42.48
N ASP D 6 29.67 -14.87 -20.58
CA ASP D 6 28.85 -15.24 -19.39
C ASP D 6 27.37 -14.78 -19.52
N ASN D 7 26.87 -14.79 -20.75
CA ASN D 7 25.50 -14.38 -21.00
C ASN D 7 24.52 -15.54 -20.91
N SER D 8 24.96 -16.63 -20.28
CA SER D 8 24.13 -17.83 -20.18
C SER D 8 24.30 -18.57 -18.85
N TYR D 9 23.24 -19.26 -18.44
CA TYR D 9 23.26 -20.03 -17.19
C TYR D 9 24.25 -21.21 -17.24
N LYS D 10 24.94 -21.39 -16.12
CA LYS D 10 25.88 -22.49 -15.93
C LYS D 10 25.12 -23.81 -15.94
N MET D 11 25.36 -24.63 -16.96
CA MET D 11 24.62 -25.87 -17.17
C MET D 11 25.51 -27.13 -17.12
N ASP D 12 26.56 -27.08 -16.31
CA ASP D 12 27.48 -28.21 -16.17
C ASP D 12 27.79 -28.56 -14.70
N TYR D 13 26.74 -28.51 -13.86
CA TYR D 13 26.82 -28.97 -12.47
C TYR D 13 26.78 -30.50 -12.44
N PRO D 14 27.11 -31.14 -11.31
CA PRO D 14 26.97 -32.60 -11.21
C PRO D 14 25.63 -33.11 -11.80
N GLU D 15 24.52 -32.71 -11.18
CA GLU D 15 23.17 -33.05 -11.68
C GLU D 15 22.53 -31.93 -12.53
N MET D 16 21.38 -32.24 -13.14
CA MET D 16 20.63 -31.23 -13.88
C MET D 16 19.63 -30.53 -12.97
N GLY D 17 19.20 -31.21 -11.93
CA GLY D 17 18.14 -30.71 -11.06
C GLY D 17 16.88 -31.56 -11.15
N LEU D 18 16.15 -31.66 -10.05
CA LEU D 18 14.95 -32.47 -10.05
C LEU D 18 13.82 -31.80 -10.83
N CYS D 19 13.06 -32.60 -11.57
CA CYS D 19 11.91 -32.12 -12.33
C CYS D 19 10.59 -32.70 -11.81
N ILE D 20 10.03 -32.03 -10.80
CA ILE D 20 8.78 -32.42 -10.15
C ILE D 20 7.57 -32.25 -11.09
N ILE D 21 6.67 -33.24 -11.12
CA ILE D 21 5.44 -33.15 -11.92
C ILE D 21 4.20 -33.49 -11.08
N ILE D 22 3.38 -32.48 -10.79
CA ILE D 22 2.12 -32.74 -10.14
C ILE D 22 1.06 -32.93 -11.22
N ASN D 23 0.30 -34.02 -11.10
CA ASN D 23 -0.70 -34.36 -12.11
C ASN D 23 -2.02 -34.75 -11.48
N ASN D 24 -2.96 -33.81 -11.45
CA ASN D 24 -4.28 -34.03 -10.87
C ASN D 24 -5.30 -34.51 -11.92
N LYS D 25 -5.96 -35.63 -11.63
CA LYS D 25 -6.90 -36.26 -12.54
C LYS D 25 -8.33 -36.28 -12.00
N ASN D 26 -8.48 -36.62 -10.72
CA ASN D 26 -9.79 -36.78 -10.10
C ASN D 26 -9.98 -35.89 -8.89
N PHE D 27 -11.07 -35.14 -8.89
CA PHE D 27 -11.35 -34.18 -7.83
C PHE D 27 -12.61 -34.60 -7.07
N HIS D 28 -12.64 -34.34 -5.77
CA HIS D 28 -13.75 -34.75 -4.89
C HIS D 28 -15.09 -34.19 -5.36
N LYS D 29 -16.19 -34.77 -4.85
CA LYS D 29 -17.53 -34.26 -5.12
C LYS D 29 -17.69 -32.85 -4.53
N SER D 30 -16.91 -32.57 -3.49
CA SER D 30 -16.90 -31.28 -2.80
C SER D 30 -16.51 -30.11 -3.70
N THR D 31 -15.79 -30.38 -4.78
CA THR D 31 -15.45 -29.36 -5.78
C THR D 31 -16.49 -29.28 -6.90
N GLY D 32 -16.87 -30.43 -7.45
CA GLY D 32 -17.88 -30.48 -8.48
C GLY D 32 -17.37 -30.44 -9.90
N MET D 33 -16.10 -30.06 -10.09
CA MET D 33 -15.53 -30.04 -11.44
C MET D 33 -15.17 -31.46 -11.91
N THR D 34 -15.33 -31.67 -13.21
CA THR D 34 -15.20 -33.00 -13.83
C THR D 34 -13.79 -33.58 -13.78
N SER D 35 -13.68 -34.85 -14.19
CA SER D 35 -12.40 -35.55 -14.22
C SER D 35 -11.55 -35.13 -15.41
N ARG D 36 -10.25 -34.98 -15.16
CA ARG D 36 -9.29 -34.52 -16.16
C ARG D 36 -8.69 -35.68 -16.93
N SER D 37 -9.39 -36.13 -17.96
CA SER D 37 -8.90 -37.26 -18.76
C SER D 37 -7.84 -36.78 -19.76
N GLY D 38 -6.94 -37.71 -20.12
CA GLY D 38 -5.89 -37.44 -21.08
C GLY D 38 -4.66 -36.81 -20.47
N THR D 39 -4.72 -36.57 -19.17
CA THR D 39 -3.63 -35.93 -18.44
C THR D 39 -2.53 -36.93 -18.09
N ASP D 40 -2.87 -38.22 -18.16
CA ASP D 40 -1.91 -39.30 -18.01
C ASP D 40 -1.00 -39.37 -19.24
N VAL D 41 -1.56 -39.09 -20.42
CA VAL D 41 -0.76 -39.00 -21.65
C VAL D 41 0.35 -37.96 -21.50
N ASP D 42 0.01 -36.84 -20.84
CA ASP D 42 0.93 -35.71 -20.66
C ASP D 42 2.02 -36.03 -19.64
N ALA D 43 1.59 -36.42 -18.44
CA ALA D 43 2.50 -36.75 -17.34
C ALA D 43 3.56 -37.74 -17.79
N ALA D 44 3.12 -38.79 -18.50
CA ALA D 44 4.01 -39.77 -19.10
C ALA D 44 4.92 -39.12 -20.13
N ASN D 45 4.31 -38.42 -21.10
CA ASN D 45 5.09 -37.79 -22.16
C ASN D 45 6.19 -36.88 -21.62
N LEU D 46 5.82 -36.02 -20.66
CA LEU D 46 6.78 -35.14 -20.03
C LEU D 46 7.88 -35.94 -19.36
N ARG D 47 7.47 -36.90 -18.53
CA ARG D 47 8.38 -37.73 -17.74
C ARG D 47 9.56 -38.19 -18.57
N GLU D 48 9.26 -38.69 -19.77
CA GLU D 48 10.28 -39.20 -20.67
C GLU D 48 11.13 -38.08 -21.26
N THR D 49 10.48 -37.03 -21.76
CA THR D 49 11.17 -35.93 -22.43
C THR D 49 12.11 -35.16 -21.50
N PHE D 50 11.80 -35.14 -20.20
CA PHE D 50 12.68 -34.50 -19.22
C PHE D 50 13.77 -35.43 -18.70
N ARG D 51 13.40 -36.70 -18.48
CA ARG D 51 14.35 -37.76 -18.14
C ARG D 51 15.43 -37.80 -19.22
N ASN D 52 14.98 -37.59 -20.45
CA ASN D 52 15.81 -37.52 -21.65
C ASN D 52 16.84 -36.38 -21.64
N LEU D 53 16.62 -35.38 -20.79
CA LEU D 53 17.51 -34.24 -20.69
C LEU D 53 18.40 -34.34 -19.46
N LYS D 54 18.33 -35.49 -18.79
CA LYS D 54 19.14 -35.80 -17.60
C LYS D 54 18.59 -35.19 -16.29
N TYR D 55 17.28 -34.97 -16.27
CA TYR D 55 16.59 -34.46 -15.09
C TYR D 55 16.14 -35.62 -14.19
N GLU D 56 16.25 -35.43 -12.88
CA GLU D 56 15.72 -36.36 -11.87
C GLU D 56 14.22 -36.14 -11.70
N VAL D 57 13.44 -36.66 -12.64
CA VAL D 57 11.98 -36.54 -12.62
C VAL D 57 11.34 -37.30 -11.46
N ARG D 58 10.24 -36.75 -10.96
CA ARG D 58 9.39 -37.43 -9.99
C ARG D 58 7.98 -37.13 -10.42
N ASN D 59 7.13 -38.16 -10.46
CA ASN D 59 5.73 -37.93 -10.76
C ASN D 59 4.90 -38.15 -9.53
N LYS D 60 4.10 -37.15 -9.21
CA LYS D 60 3.07 -37.29 -8.21
C LYS D 60 1.75 -37.25 -8.97
N ASN D 61 0.68 -37.77 -8.37
CA ASN D 61 -0.64 -37.79 -9.01
C ASN D 61 -1.77 -37.54 -8.02
N ASP D 62 -2.83 -36.88 -8.52
CA ASP D 62 -4.06 -36.59 -7.77
C ASP D 62 -3.83 -36.14 -6.32
N LEU D 63 -2.96 -35.14 -6.15
CA LEU D 63 -2.61 -34.57 -4.85
C LEU D 63 -3.61 -33.52 -4.40
N THR D 64 -3.73 -33.35 -3.08
CA THR D 64 -4.60 -32.33 -2.49
C THR D 64 -3.92 -30.97 -2.50
N ARG D 65 -4.68 -29.92 -2.16
CA ARG D 65 -4.15 -28.57 -2.05
C ARG D 65 -3.06 -28.47 -0.97
N GLU D 66 -3.30 -29.11 0.17
CA GLU D 66 -2.33 -29.17 1.26
C GLU D 66 -1.12 -30.00 0.88
N GLU D 67 -1.34 -31.10 0.14
CA GLU D 67 -0.25 -31.98 -0.27
C GLU D 67 0.71 -31.28 -1.23
N ILE D 68 0.17 -30.45 -2.13
CA ILE D 68 0.97 -29.67 -3.07
C ILE D 68 1.87 -28.69 -2.30
N VAL D 69 1.27 -27.93 -1.41
CA VAL D 69 2.04 -27.04 -0.55
C VAL D 69 3.12 -27.84 0.18
N GLU D 70 2.73 -28.95 0.78
CA GLU D 70 3.65 -29.81 1.53
C GLU D 70 4.80 -30.30 0.64
N LEU D 71 4.46 -30.79 -0.55
CA LEU D 71 5.44 -31.24 -1.53
C LEU D 71 6.46 -30.13 -1.82
N MET D 72 5.95 -29.00 -2.31
CA MET D 72 6.75 -27.82 -2.66
C MET D 72 7.63 -27.37 -1.49
N ARG D 73 6.99 -27.09 -0.36
CA ARG D 73 7.65 -26.73 0.90
C ARG D 73 8.87 -27.61 1.20
N ASP D 74 8.72 -28.92 0.97
CA ASP D 74 9.79 -29.88 1.21
C ASP D 74 10.85 -29.93 0.11
N VAL D 75 10.43 -29.85 -1.16
CA VAL D 75 11.35 -29.80 -2.30
C VAL D 75 12.24 -28.56 -2.24
N SER D 76 11.67 -27.45 -1.76
CA SER D 76 12.41 -26.21 -1.61
C SER D 76 13.34 -26.29 -0.40
N LYS D 77 13.01 -27.19 0.52
CA LYS D 77 13.80 -27.41 1.72
C LYS D 77 15.04 -28.27 1.45
N GLU D 78 15.02 -29.03 0.36
CA GLU D 78 16.13 -29.89 -0.05
C GLU D 78 17.41 -29.09 -0.32
N ASP D 79 18.44 -29.77 -0.81
CA ASP D 79 19.71 -29.12 -1.14
C ASP D 79 20.05 -29.27 -2.62
N HIS D 80 20.01 -28.15 -3.34
CA HIS D 80 20.21 -28.12 -4.79
C HIS D 80 21.61 -27.61 -5.18
N SER D 81 22.55 -27.61 -4.23
CA SER D 81 23.92 -27.15 -4.49
C SER D 81 24.50 -27.86 -5.70
N LYS D 82 24.23 -29.16 -5.80
CA LYS D 82 24.77 -29.99 -6.86
C LYS D 82 23.96 -29.88 -8.15
N ARG D 83 22.73 -29.38 -8.03
CA ARG D 83 21.78 -29.29 -9.15
C ARG D 83 21.92 -27.98 -9.93
N SER D 84 21.84 -28.08 -11.25
CA SER D 84 22.03 -26.94 -12.14
C SER D 84 20.80 -26.02 -12.24
N SER D 85 19.60 -26.58 -12.08
CA SER D 85 18.35 -25.83 -12.19
C SER D 85 17.21 -26.54 -11.46
N PHE D 86 15.98 -26.15 -11.80
CA PHE D 86 14.76 -26.71 -11.22
C PHE D 86 13.55 -26.56 -12.16
N VAL D 87 12.73 -27.61 -12.23
CA VAL D 87 11.57 -27.63 -13.12
C VAL D 87 10.35 -28.18 -12.41
N CYS D 88 9.23 -27.49 -12.51
CA CYS D 88 8.01 -27.94 -11.83
C CYS D 88 6.83 -27.75 -12.75
N VAL D 89 6.21 -28.87 -13.14
CA VAL D 89 5.12 -28.86 -14.10
C VAL D 89 3.80 -29.12 -13.40
N LEU D 90 2.85 -28.22 -13.61
CA LEU D 90 1.50 -28.40 -13.07
C LEU D 90 0.55 -28.74 -14.21
N LEU D 91 -0.16 -29.85 -14.04
CA LEU D 91 -1.26 -30.23 -14.93
C LEU D 91 -2.46 -30.39 -14.02
N SER D 92 -3.44 -29.50 -14.17
CA SER D 92 -4.66 -29.54 -13.37
C SER D 92 -5.68 -28.56 -13.92
N HIS D 93 -6.78 -28.39 -13.18
CA HIS D 93 -7.80 -27.40 -13.51
C HIS D 93 -7.45 -26.08 -12.82
N GLY D 94 -7.61 -24.97 -13.54
CA GLY D 94 -7.20 -23.69 -13.02
C GLY D 94 -8.00 -22.48 -13.47
N GLU D 95 -7.93 -21.45 -12.65
CA GLU D 95 -8.39 -20.11 -13.01
C GLU D 95 -7.13 -19.23 -13.08
N GLU D 96 -7.31 -17.92 -13.26
CA GLU D 96 -6.18 -16.99 -13.38
C GLU D 96 -5.37 -16.91 -12.08
N GLY D 97 -4.11 -17.30 -12.18
CA GLY D 97 -3.24 -17.34 -11.02
C GLY D 97 -3.47 -18.49 -10.04
N ILE D 98 -4.27 -19.48 -10.44
CA ILE D 98 -4.52 -20.63 -9.58
C ILE D 98 -4.52 -21.96 -10.33
N ILE D 99 -4.01 -23.00 -9.65
CA ILE D 99 -4.23 -24.39 -10.05
C ILE D 99 -5.04 -25.06 -8.97
N PHE D 100 -5.80 -26.07 -9.36
CA PHE D 100 -6.60 -26.82 -8.39
C PHE D 100 -5.88 -28.07 -7.89
N GLY D 101 -5.82 -28.19 -6.57
CA GLY D 101 -5.53 -29.46 -5.92
C GLY D 101 -6.78 -30.31 -6.06
N THR D 102 -6.78 -31.50 -5.49
CA THR D 102 -7.95 -32.37 -5.63
C THR D 102 -9.13 -31.89 -4.76
N ASN D 103 -8.81 -31.35 -3.58
CA ASN D 103 -9.83 -30.86 -2.68
C ASN D 103 -10.19 -29.39 -2.89
N GLY D 104 -9.19 -28.55 -3.15
CA GLY D 104 -9.41 -27.12 -3.36
C GLY D 104 -8.38 -26.38 -4.21
N PRO D 105 -8.48 -25.05 -4.25
CA PRO D 105 -7.56 -24.21 -5.04
C PRO D 105 -6.28 -23.83 -4.30
N VAL D 106 -5.24 -23.58 -5.10
CA VAL D 106 -3.97 -23.06 -4.60
C VAL D 106 -3.50 -21.92 -5.51
N ASP D 107 -3.12 -20.80 -4.90
CA ASP D 107 -2.48 -19.69 -5.60
C ASP D 107 -1.10 -20.11 -6.09
N LEU D 108 -0.86 -19.99 -7.40
CA LEU D 108 0.46 -20.26 -7.96
C LEU D 108 1.53 -19.58 -7.13
N LYS D 109 1.22 -18.36 -6.70
CA LYS D 109 2.12 -17.52 -5.92
C LYS D 109 2.54 -18.18 -4.60
N LYS D 110 1.64 -18.99 -4.01
CA LYS D 110 1.99 -19.73 -2.80
C LYS D 110 3.08 -20.76 -3.08
N ILE D 111 2.99 -21.42 -4.24
CA ILE D 111 3.90 -22.51 -4.59
C ILE D 111 5.19 -22.04 -5.25
N THR D 112 5.12 -20.97 -6.05
CA THR D 112 6.33 -20.41 -6.65
C THR D 112 7.19 -19.66 -5.62
N ASN D 113 6.56 -19.20 -4.55
CA ASN D 113 7.24 -18.43 -3.51
C ASN D 113 8.20 -19.27 -2.70
N PHE D 114 7.97 -20.59 -2.67
CA PHE D 114 8.84 -21.49 -1.90
C PHE D 114 10.25 -21.45 -2.45
N PHE D 115 10.38 -21.09 -3.72
CA PHE D 115 11.65 -21.17 -4.41
C PHE D 115 12.30 -19.82 -4.62
N ARG D 116 11.67 -18.77 -4.09
CA ARG D 116 12.16 -17.40 -4.19
C ARG D 116 13.50 -17.22 -3.51
N GLY D 117 14.50 -16.81 -4.28
CA GLY D 117 15.89 -16.65 -3.81
C GLY D 117 16.16 -16.71 -2.31
N ASP D 118 15.55 -15.77 -1.57
CA ASP D 118 15.80 -15.62 -0.12
C ASP D 118 15.22 -16.74 0.76
N ARG D 119 14.61 -17.75 0.12
CA ARG D 119 13.94 -18.84 0.82
C ARG D 119 14.41 -20.21 0.35
N CYS D 120 15.05 -20.26 -0.83
CA CYS D 120 15.73 -21.45 -1.32
C CYS D 120 17.14 -21.10 -1.80
N ARG D 121 18.04 -20.88 -0.83
CA ARG D 121 19.39 -20.41 -1.15
C ARG D 121 20.16 -21.31 -2.12
N SER D 122 19.91 -22.62 -2.09
CA SER D 122 20.61 -23.55 -2.98
C SER D 122 20.24 -23.38 -4.46
N LEU D 123 19.18 -22.61 -4.73
CA LEU D 123 18.74 -22.38 -6.11
C LEU D 123 18.90 -20.90 -6.54
N THR D 124 19.37 -20.07 -5.62
CA THR D 124 19.75 -18.69 -5.92
C THR D 124 20.69 -18.66 -7.11
N GLY D 125 20.38 -17.82 -8.09
CA GLY D 125 21.21 -17.63 -9.27
C GLY D 125 20.91 -18.60 -10.38
N LYS D 126 20.07 -19.59 -10.10
CA LYS D 126 19.77 -20.68 -11.03
C LYS D 126 18.34 -20.59 -11.54
N PRO D 127 18.13 -20.89 -12.83
CA PRO D 127 16.81 -20.78 -13.46
C PRO D 127 15.75 -21.74 -12.91
N LYS D 128 14.68 -21.18 -12.34
CA LYS D 128 13.56 -21.97 -11.80
C LYS D 128 12.37 -21.99 -12.77
N LEU D 129 12.22 -23.09 -13.51
CA LEU D 129 11.17 -23.19 -14.54
C LEU D 129 9.86 -23.80 -14.05
N PHE D 130 8.77 -23.09 -14.29
CA PHE D 130 7.43 -23.57 -13.97
C PHE D 130 6.60 -23.67 -15.24
N ILE D 131 6.10 -24.87 -15.52
CA ILE D 131 5.29 -25.09 -16.72
C ILE D 131 3.86 -25.43 -16.32
N ILE D 132 2.95 -24.52 -16.66
CA ILE D 132 1.57 -24.57 -16.17
C ILE D 132 0.62 -24.97 -17.27
N GLN D 133 0.03 -26.15 -17.12
CA GLN D 133 -1.05 -26.59 -18.00
C GLN D 133 -2.32 -26.56 -17.18
N ALA D 134 -2.96 -25.38 -17.19
CA ALA D 134 -4.21 -25.12 -16.50
C ALA D 134 -4.94 -24.00 -17.22
N OCS D 135 -6.23 -23.83 -16.91
CA OCS D 135 -7.02 -22.79 -17.51
CB OCS D 135 -8.52 -23.11 -17.35
SG OCS D 135 -8.81 -24.76 -17.58
C OCS D 135 -6.61 -21.50 -16.85
O OCS D 135 -6.31 -21.47 -15.66
OD1 OCS D 135 -10.25 -25.05 -17.58
OD2 OCS D 135 -8.25 -25.14 -18.90
OD3 OCS D 135 -8.20 -25.57 -16.48
N ARG D 136 -6.56 -20.42 -17.62
CA ARG D 136 -6.26 -19.09 -17.08
C ARG D 136 -7.56 -18.28 -17.03
N GLY D 137 -8.61 -18.86 -17.60
CA GLY D 137 -9.96 -18.36 -17.50
C GLY D 137 -10.85 -19.06 -18.51
N THR D 138 -12.12 -18.69 -18.53
CA THR D 138 -13.10 -19.32 -19.42
C THR D 138 -13.17 -18.71 -20.82
N GLU D 139 -12.28 -17.77 -21.12
CA GLU D 139 -12.33 -17.06 -22.39
C GLU D 139 -11.83 -17.89 -23.57
N LEU D 140 -12.56 -17.85 -24.68
CA LEU D 140 -12.12 -18.54 -25.90
C LEU D 140 -11.66 -17.59 -27.03
N ASP D 141 -10.51 -17.90 -27.63
CA ASP D 141 -9.92 -17.14 -28.73
C ASP D 141 -10.56 -17.58 -30.02
N CYS D 142 -11.27 -16.68 -30.68
CA CYS D 142 -11.94 -17.02 -31.93
C CYS D 142 -10.98 -17.25 -33.08
N GLY D 143 -9.85 -16.55 -33.07
CA GLY D 143 -8.89 -16.64 -34.16
C GLY D 143 -9.32 -15.79 -35.34
N ILE D 144 -8.47 -15.73 -36.36
CA ILE D 144 -8.79 -14.99 -37.59
C ILE D 144 -8.33 -15.72 -38.87
N HIS D 157 26.65 -7.85 -5.94
CA HIS D 157 26.39 -8.22 -4.55
C HIS D 157 24.99 -8.79 -4.32
N LYS D 158 23.95 -8.16 -4.86
CA LYS D 158 22.57 -8.60 -4.65
C LYS D 158 21.78 -8.78 -5.94
N ILE D 159 20.77 -9.64 -5.89
CA ILE D 159 19.83 -9.83 -7.02
C ILE D 159 18.36 -9.82 -6.55
N PRO D 160 17.41 -9.52 -7.42
CA PRO D 160 16.01 -9.54 -7.01
C PRO D 160 15.59 -10.96 -6.67
N VAL D 161 14.86 -11.13 -5.58
CA VAL D 161 14.34 -12.43 -5.21
C VAL D 161 13.38 -13.01 -6.23
N ASP D 162 12.84 -12.19 -7.12
CA ASP D 162 11.92 -12.69 -8.15
C ASP D 162 12.64 -13.03 -9.46
N ALA D 163 13.93 -12.71 -9.53
CA ALA D 163 14.77 -13.00 -10.69
C ALA D 163 15.04 -14.49 -10.89
N ASP D 164 15.35 -14.85 -12.14
CA ASP D 164 15.69 -16.23 -12.56
C ASP D 164 14.51 -17.20 -12.56
N PHE D 165 13.32 -16.67 -12.84
CA PHE D 165 12.09 -17.45 -12.87
C PHE D 165 11.55 -17.41 -14.28
N LEU D 166 11.10 -18.54 -14.78
CA LEU D 166 10.38 -18.58 -16.05
C LEU D 166 9.04 -19.32 -15.90
N TYR D 167 7.98 -18.72 -16.43
CA TYR D 167 6.65 -19.32 -16.36
C TYR D 167 6.16 -19.52 -17.78
N ALA D 168 6.08 -20.78 -18.18
CA ALA D 168 5.63 -21.17 -19.51
C ALA D 168 4.19 -21.62 -19.39
N TYR D 169 3.29 -20.66 -19.55
CA TYR D 169 1.86 -20.89 -19.43
C TYR D 169 1.33 -21.49 -20.73
N SER D 170 0.34 -22.37 -20.62
CA SER D 170 -0.29 -22.98 -21.81
C SER D 170 -1.10 -22.02 -22.67
N THR D 171 -1.80 -21.09 -22.03
CA THR D 171 -2.60 -20.08 -22.73
C THR D 171 -2.35 -18.66 -22.21
N ALA D 172 -2.80 -17.67 -22.97
CA ALA D 172 -2.82 -16.26 -22.57
C ALA D 172 -3.63 -16.03 -21.28
N PRO D 173 -3.38 -14.92 -20.57
CA PRO D 173 -4.19 -14.55 -19.40
C PRO D 173 -5.68 -14.40 -19.70
N GLY D 174 -6.51 -15.05 -18.88
CA GLY D 174 -7.95 -15.03 -19.02
C GLY D 174 -8.56 -16.10 -19.90
N TYR D 175 -7.72 -16.85 -20.62
CA TYR D 175 -8.18 -17.81 -21.61
C TYR D 175 -8.28 -19.29 -21.15
N TYR D 176 -9.17 -20.02 -21.81
CA TYR D 176 -9.30 -21.49 -21.69
C TYR D 176 -8.07 -22.22 -22.24
N SER D 177 -7.76 -23.36 -21.64
CA SER D 177 -6.67 -24.20 -22.12
C SER D 177 -7.22 -25.47 -22.75
N TRP D 178 -6.90 -25.66 -24.03
CA TRP D 178 -7.48 -26.74 -24.83
C TRP D 178 -6.80 -28.10 -24.65
N ARG D 179 -7.55 -29.02 -24.04
CA ARG D 179 -7.07 -30.37 -23.73
C ARG D 179 -7.79 -31.42 -24.58
N ASN D 180 -7.06 -32.47 -24.95
CA ASN D 180 -7.62 -33.61 -25.67
C ASN D 180 -7.37 -34.90 -24.86
N SER D 181 -8.40 -35.74 -24.75
CA SER D 181 -8.32 -37.01 -24.02
C SER D 181 -7.37 -38.04 -24.66
N LYS D 182 -6.66 -37.64 -25.73
CA LYS D 182 -5.74 -38.53 -26.44
C LYS D 182 -4.41 -37.83 -26.75
N SER D 185 -3.22 -32.62 -24.19
CA SER D 185 -3.23 -31.16 -24.20
C SER D 185 -2.29 -30.56 -25.23
N TRP D 186 -2.76 -29.55 -25.96
CA TRP D 186 -2.05 -28.95 -27.09
C TRP D 186 -0.66 -28.45 -26.70
N PHE D 187 -0.60 -27.78 -25.54
CA PHE D 187 0.62 -27.15 -25.08
C PHE D 187 1.73 -28.15 -24.77
N ILE D 188 1.40 -29.13 -23.90
CA ILE D 188 2.35 -30.12 -23.42
C ILE D 188 2.88 -30.99 -24.55
N GLN D 189 2.01 -31.29 -25.51
CA GLN D 189 2.39 -31.98 -26.73
C GLN D 189 3.50 -31.21 -27.43
N SER D 190 3.18 -29.97 -27.81
CA SER D 190 4.08 -29.14 -28.60
C SER D 190 5.37 -28.80 -27.87
N LEU D 191 5.27 -28.69 -26.55
CA LEU D 191 6.44 -28.45 -25.72
C LEU D 191 7.39 -29.65 -25.82
N CYS D 192 6.84 -30.84 -25.60
CA CYS D 192 7.61 -32.09 -25.67
C CYS D 192 8.15 -32.35 -27.07
N ALA D 193 7.35 -32.02 -28.08
CA ALA D 193 7.80 -32.17 -29.47
C ALA D 193 8.95 -31.21 -29.82
N MET D 194 8.79 -29.94 -29.48
CA MET D 194 9.80 -28.94 -29.84
C MET D 194 11.06 -29.03 -28.98
N LEU D 195 10.89 -29.51 -27.75
CA LEU D 195 12.00 -29.66 -26.83
C LEU D 195 12.98 -30.66 -27.40
N LYS D 196 12.52 -31.88 -27.67
CA LYS D 196 13.38 -32.91 -28.22
C LYS D 196 14.06 -32.47 -29.52
N GLN D 197 13.24 -31.94 -30.45
CA GLN D 197 13.72 -31.53 -31.76
C GLN D 197 14.74 -30.38 -31.76
N TYR D 198 14.79 -29.61 -30.67
CA TYR D 198 15.64 -28.42 -30.65
C TYR D 198 16.52 -28.22 -29.42
N ALA D 199 16.21 -28.92 -28.32
CA ALA D 199 16.97 -28.77 -27.06
C ALA D 199 18.50 -28.65 -27.24
N ASP D 200 19.04 -29.36 -28.23
CA ASP D 200 20.47 -29.42 -28.48
C ASP D 200 20.92 -28.50 -29.63
N LYS D 201 20.08 -27.52 -29.95
CA LYS D 201 20.38 -26.57 -31.02
C LYS D 201 19.89 -25.14 -30.69
N LEU D 202 18.81 -25.04 -29.92
CA LEU D 202 18.17 -23.77 -29.64
C LEU D 202 18.15 -23.36 -28.15
N GLU D 203 18.35 -22.05 -27.94
CA GLU D 203 18.14 -21.43 -26.65
C GLU D 203 16.67 -21.58 -26.24
N PHE D 204 16.45 -21.90 -24.96
CA PHE D 204 15.13 -22.24 -24.41
C PHE D 204 13.99 -21.28 -24.77
N MET D 205 14.29 -19.99 -24.95
CA MET D 205 13.26 -19.05 -25.34
C MET D 205 12.82 -19.26 -26.78
N HIS D 206 13.80 -19.40 -27.67
CA HIS D 206 13.57 -19.68 -29.10
C HIS D 206 12.82 -20.98 -29.35
N ILE D 207 13.04 -21.95 -28.46
CA ILE D 207 12.21 -23.14 -28.44
C ILE D 207 10.78 -22.74 -28.11
N LEU D 208 10.59 -22.05 -26.97
CA LEU D 208 9.25 -21.71 -26.48
C LEU D 208 8.48 -20.89 -27.50
N THR D 209 9.21 -20.05 -28.23
CA THR D 209 8.64 -19.29 -29.35
C THR D 209 8.11 -20.24 -30.44
N ARG D 210 8.89 -21.27 -30.74
CA ARG D 210 8.47 -22.32 -31.66
C ARG D 210 7.35 -23.16 -31.07
N VAL D 211 7.37 -23.36 -29.75
CA VAL D 211 6.25 -24.03 -29.07
C VAL D 211 4.98 -23.18 -29.21
N ASN D 212 5.16 -21.88 -29.37
CA ASN D 212 4.03 -20.97 -29.50
C ASN D 212 3.45 -20.99 -30.91
N ARG D 213 4.33 -21.04 -31.92
CA ARG D 213 3.90 -21.13 -33.32
C ARG D 213 3.23 -22.46 -33.63
N LYS D 214 3.78 -23.55 -33.11
CA LYS D 214 3.18 -24.87 -33.27
C LYS D 214 1.80 -24.92 -32.61
N VAL D 215 1.70 -24.42 -31.37
CA VAL D 215 0.42 -24.41 -30.67
C VAL D 215 -0.58 -23.47 -31.35
N ALA D 216 -0.06 -22.51 -32.11
CA ALA D 216 -0.92 -21.50 -32.74
C ALA D 216 -1.43 -21.94 -34.10
N THR D 217 -0.53 -22.45 -34.95
CA THR D 217 -0.84 -22.75 -36.35
C THR D 217 -0.99 -24.24 -36.72
N GLU D 218 -0.97 -25.12 -35.73
CA GLU D 218 -1.12 -26.56 -35.99
C GLU D 218 -2.30 -27.15 -35.24
N PHE D 219 -2.92 -26.34 -34.38
CA PHE D 219 -4.04 -26.81 -33.59
C PHE D 219 -5.27 -25.94 -33.82
N GLU D 220 -6.44 -26.49 -33.47
CA GLU D 220 -7.75 -25.85 -33.63
C GLU D 220 -8.80 -26.81 -33.09
N SER D 221 -9.73 -26.30 -32.29
CA SER D 221 -10.75 -27.17 -31.73
C SER D 221 -11.75 -27.65 -32.78
N PHE D 222 -12.43 -28.75 -32.45
CA PHE D 222 -13.54 -29.27 -33.25
C PHE D 222 -14.66 -29.69 -32.30
N SER D 223 -15.85 -29.15 -32.53
CA SER D 223 -17.02 -29.50 -31.73
C SER D 223 -18.31 -29.56 -32.57
N PHE D 224 -19.29 -30.31 -32.08
CA PHE D 224 -20.63 -30.29 -32.65
C PHE D 224 -21.49 -29.33 -31.85
N ASP D 225 -20.88 -28.18 -31.55
CA ASP D 225 -21.49 -27.07 -30.82
C ASP D 225 -20.62 -25.85 -31.12
N ALA D 226 -21.12 -25.00 -32.03
CA ALA D 226 -20.36 -23.86 -32.58
C ALA D 226 -19.68 -22.98 -31.52
N THR D 227 -20.30 -22.89 -30.34
CA THR D 227 -19.71 -22.19 -29.20
C THR D 227 -18.30 -22.70 -28.86
N PHE D 228 -18.01 -23.94 -29.25
CA PHE D 228 -16.74 -24.57 -28.92
C PHE D 228 -15.93 -25.02 -30.16
N HIS D 229 -16.47 -24.81 -31.35
CA HIS D 229 -15.82 -25.30 -32.58
C HIS D 229 -14.90 -24.22 -33.15
N ALA D 230 -13.75 -24.64 -33.67
CA ALA D 230 -12.83 -23.74 -34.38
C ALA D 230 -12.12 -22.74 -33.45
N LYS D 231 -11.88 -23.16 -32.20
CA LYS D 231 -11.20 -22.32 -31.22
C LYS D 231 -9.68 -22.36 -31.38
N LYS D 232 -9.03 -21.28 -30.92
CA LYS D 232 -7.57 -21.19 -30.99
C LYS D 232 -6.96 -21.00 -29.60
N GLN D 233 -5.65 -21.22 -29.52
CA GLN D 233 -4.90 -21.07 -28.28
C GLN D 233 -3.54 -20.49 -28.61
N ILE D 234 -3.09 -19.55 -27.77
CA ILE D 234 -1.72 -19.06 -27.82
C ILE D 234 -1.08 -19.25 -26.46
N PRO D 235 0.11 -19.87 -26.40
CA PRO D 235 0.85 -19.94 -25.13
C PRO D 235 1.42 -18.57 -24.74
N CYS D 236 1.80 -18.45 -23.47
CA CYS D 236 2.26 -17.21 -22.91
C CYS D 236 3.53 -17.45 -22.09
N ILE D 237 4.67 -17.10 -22.68
CA ILE D 237 5.95 -17.15 -21.97
C ILE D 237 6.13 -15.94 -21.08
N VAL D 238 6.39 -16.17 -19.80
CA VAL D 238 6.71 -15.09 -18.84
C VAL D 238 8.12 -15.29 -18.24
N SER D 239 9.08 -14.48 -18.66
CA SER D 239 10.47 -14.73 -18.26
C SER D 239 11.07 -13.62 -17.39
N MET D 240 11.50 -13.98 -16.19
CA MET D 240 12.29 -13.07 -15.38
C MET D 240 13.73 -13.60 -15.41
N LEU D 241 14.05 -14.34 -16.46
CA LEU D 241 15.38 -14.92 -16.61
C LEU D 241 16.39 -13.81 -16.86
N THR D 242 17.58 -13.99 -16.32
CA THR D 242 18.66 -13.01 -16.44
C THR D 242 19.69 -13.46 -17.47
N LYS D 243 19.61 -14.73 -17.84
CA LYS D 243 20.60 -15.33 -18.77
C LYS D 243 19.93 -16.26 -19.78
N GLU D 244 20.65 -16.51 -20.88
CA GLU D 244 20.24 -17.49 -21.86
C GLU D 244 20.32 -18.90 -21.26
N LEU D 245 19.39 -19.75 -21.68
CA LEU D 245 19.35 -21.14 -21.24
C LEU D 245 19.55 -22.10 -22.42
N TYR D 246 20.64 -22.87 -22.34
CA TYR D 246 20.96 -23.94 -23.29
C TYR D 246 21.08 -25.25 -22.53
N PHE D 247 20.21 -26.20 -22.86
CA PHE D 247 20.15 -27.48 -22.15
C PHE D 247 21.42 -28.33 -22.31
N TYR D 248 22.18 -28.06 -23.37
CA TYR D 248 23.53 -28.60 -23.48
C TYR D 248 24.55 -27.67 -22.81
OAE RXC E . 4.32 5.47 -2.07
CAX RXC E . 4.60 4.58 -1.18
NAP RXC E . 4.67 4.89 0.16
CAW RXC E . 4.95 3.98 1.14
OAD RXC E . 5.02 4.30 2.34
CAZ RXC E . 4.83 3.27 -1.58
CBA RXC E . 5.12 2.32 -0.58
CAY RXC E . 5.18 2.65 0.79
OAF RXC E . 5.46 1.80 1.71
CAM RXC E . 4.75 2.95 -2.97
CAI RXC E . 5.00 1.62 -3.31
CAL RXC E . 5.30 0.66 -2.30
CAV RXC E . 5.37 1.01 -0.94
NAO RXC E . 5.64 0.15 0.10
CAS RXC E . 5.84 -1.16 -0.02
OAC RXC E . 5.75 -1.80 -1.08
CBB RXC E . 6.02 -1.95 1.25
OAQ RXC E . 6.99 -3.00 1.05
CAR RXC E . 6.35 -4.20 0.53
OAB RXC E . 7.09 -5.05 0.02
CAA RXC E . 4.84 -4.34 0.63
CAU RXC E . 6.38 -1.21 2.48
CAK RXC E . 7.70 -0.78 2.71
CAH RXC E . 7.97 -0.14 3.94
CAJ RXC E . 6.96 0.07 4.91
CAT RXC E . 5.67 -0.38 4.67
CLAG RXC E . 4.34 -0.14 5.88
CAN RXC E . 5.39 -1.02 3.47
#